data_2LTS
#
_entry.id   2LTS
#
_entity_poly.entity_id   1
_entity_poly.type   'polypeptide(L)'
_entity_poly.pdbx_seq_one_letter_code
;MDLTKLTFESVFGGSDVPMKPSRSEDNKTPRNRTDLEMFLKKTPLMVLEEAAKAVYQKTPTWGTVELPEGFEMTLILNEI
TVKGQATSKKAARQKAAVEYLRKVVEKGKHEIFFIPGTTKEEALSNIDQISDKAEELKRSTSDAVQDNDNDDSIPTSAEF
PPGISPTENWVGKLQEKSQKSKLQAPIYEDSKNERTERFLVICTMCNQKTRGIRSKKKDAKNLAAWLMWKALEDGIESLE
SYDLEH
;
_entity_poly.pdbx_strand_id   A
#
# COMPACT_ATOMS: atom_id res chain seq x y z
N ASN A 150 -13.82 -11.47 -0.55
CA ASN A 150 -12.49 -11.02 -0.13
C ASN A 150 -12.19 -11.49 1.29
N ASP A 151 -12.95 -12.48 1.76
CA ASP A 151 -12.75 -13.01 3.10
C ASP A 151 -12.04 -14.36 3.05
N ASP A 152 -11.25 -14.57 2.00
CA ASP A 152 -10.51 -15.82 1.83
C ASP A 152 -9.03 -15.54 1.67
N SER A 153 -8.71 -14.30 1.32
CA SER A 153 -7.32 -13.89 1.15
C SER A 153 -7.28 -12.62 0.31
N ILE A 154 -7.28 -11.49 0.99
CA ILE A 154 -7.24 -10.19 0.33
C ILE A 154 -5.95 -10.05 -0.48
N PRO A 155 -5.96 -9.28 -1.55
CA PRO A 155 -4.74 -9.08 -2.38
C PRO A 155 -3.49 -8.85 -1.53
N THR A 156 -2.51 -9.74 -1.67
CA THR A 156 -1.27 -9.62 -0.91
C THR A 156 -0.06 -9.87 -1.81
N SER A 157 0.84 -8.90 -1.86
CA SER A 157 2.03 -9.02 -2.69
C SER A 157 3.17 -8.18 -2.11
N ALA A 158 4.34 -8.80 -1.97
CA ALA A 158 5.50 -8.11 -1.42
C ALA A 158 6.54 -7.85 -2.52
N GLU A 159 6.92 -6.59 -2.69
CA GLU A 159 7.90 -6.22 -3.71
C GLU A 159 8.27 -4.74 -3.59
N PHE A 160 9.55 -4.44 -3.73
CA PHE A 160 10.00 -3.05 -3.63
C PHE A 160 9.97 -2.38 -5.00
N PRO A 161 9.35 -1.22 -5.16
CA PRO A 161 9.30 -0.53 -6.48
C PRO A 161 10.67 -0.53 -7.18
N PRO A 162 10.69 -0.53 -8.49
CA PRO A 162 11.98 -0.53 -9.26
C PRO A 162 12.64 0.84 -9.28
N GLY A 163 13.78 0.95 -8.59
CA GLY A 163 14.51 2.21 -8.54
C GLY A 163 13.85 3.21 -7.60
N ILE A 164 14.08 3.02 -6.30
CA ILE A 164 13.50 3.92 -5.30
C ILE A 164 14.42 5.11 -5.06
N SER A 165 13.87 6.32 -5.17
CA SER A 165 14.67 7.52 -4.96
C SER A 165 14.76 7.85 -3.47
N PRO A 166 15.60 8.78 -3.09
CA PRO A 166 15.74 9.17 -1.65
C PRO A 166 14.45 9.68 -1.03
N THR A 167 13.73 10.54 -1.76
CA THR A 167 12.47 11.10 -1.26
C THR A 167 11.28 10.53 -2.02
N GLU A 168 11.49 9.44 -2.75
CA GLU A 168 10.41 8.83 -3.52
C GLU A 168 9.23 8.49 -2.62
N ASN A 169 8.14 9.25 -2.77
CA ASN A 169 6.94 9.03 -1.97
C ASN A 169 5.87 8.36 -2.82
N TRP A 170 5.47 7.16 -2.44
CA TRP A 170 4.42 6.43 -3.16
C TRP A 170 3.05 6.76 -2.57
N VAL A 171 2.95 6.63 -1.25
CA VAL A 171 1.70 6.90 -0.54
C VAL A 171 1.15 8.26 -0.90
N GLY A 172 2.05 9.21 -1.09
CA GLY A 172 1.65 10.55 -1.47
C GLY A 172 1.29 10.55 -2.95
N LYS A 173 1.93 9.66 -3.68
CA LYS A 173 1.68 9.54 -5.11
C LYS A 173 0.30 8.95 -5.37
N LEU A 174 -0.18 8.08 -4.48
CA LEU A 174 -1.50 7.48 -4.67
C LEU A 174 -2.59 8.51 -4.38
N GLN A 175 -2.63 9.01 -3.14
CA GLN A 175 -3.64 10.00 -2.79
C GLN A 175 -3.67 11.11 -3.84
N GLU A 176 -2.49 11.55 -4.25
CA GLU A 176 -2.39 12.58 -5.26
C GLU A 176 -2.97 12.08 -6.58
N LYS A 177 -2.81 10.78 -6.82
CA LYS A 177 -3.33 10.19 -8.06
C LYS A 177 -4.85 10.20 -8.04
N SER A 178 -5.45 9.93 -6.88
CA SER A 178 -6.90 9.93 -6.77
C SER A 178 -7.46 11.26 -7.25
N GLN A 179 -7.03 12.35 -6.63
CA GLN A 179 -7.50 13.67 -7.03
C GLN A 179 -7.24 13.87 -8.51
N LYS A 180 -6.08 13.41 -8.95
CA LYS A 180 -5.69 13.52 -10.35
C LYS A 180 -6.70 12.78 -11.23
N SER A 181 -7.24 11.69 -10.71
CA SER A 181 -8.22 10.90 -11.44
C SER A 181 -9.63 11.13 -10.90
N LYS A 182 -9.74 12.04 -9.94
CA LYS A 182 -11.03 12.37 -9.33
C LYS A 182 -11.60 11.20 -8.53
N LEU A 183 -10.87 10.76 -7.51
CA LEU A 183 -11.31 9.65 -6.66
C LEU A 183 -11.31 10.06 -5.19
N GLN A 184 -11.64 9.12 -4.31
CA GLN A 184 -11.68 9.40 -2.88
C GLN A 184 -10.31 9.25 -2.25
N ALA A 185 -10.19 9.61 -0.97
CA ALA A 185 -8.94 9.53 -0.25
C ALA A 185 -8.85 8.22 0.54
N PRO A 186 -7.82 7.40 0.35
CA PRO A 186 -7.69 6.12 1.09
C PRO A 186 -7.15 6.29 2.51
N ILE A 187 -7.36 5.28 3.34
CA ILE A 187 -6.90 5.30 4.73
C ILE A 187 -6.04 4.08 5.00
N TYR A 188 -5.13 4.15 5.99
CA TYR A 188 -4.28 3.00 6.27
C TYR A 188 -4.01 2.82 7.76
N GLU A 189 -3.61 1.59 8.15
CA GLU A 189 -3.30 1.30 9.55
C GLU A 189 -2.02 0.49 9.64
N ASP A 190 -1.20 0.77 10.65
CA ASP A 190 0.09 0.07 10.81
C ASP A 190 0.04 -0.99 11.93
N SER A 191 0.58 -2.17 11.61
CA SER A 191 0.64 -3.28 12.55
C SER A 191 1.90 -4.08 12.33
N LYS A 192 2.33 -4.86 13.33
CA LYS A 192 3.55 -5.65 13.21
C LYS A 192 3.32 -7.08 13.70
N ASN A 193 3.58 -8.05 12.83
CA ASN A 193 3.40 -9.45 13.19
C ASN A 193 4.69 -10.03 13.77
N GLU A 194 4.59 -10.56 14.99
CA GLU A 194 5.76 -11.14 15.65
C GLU A 194 6.24 -12.39 14.91
N ARG A 195 5.35 -12.96 14.09
CA ARG A 195 5.69 -14.16 13.33
C ARG A 195 6.96 -13.94 12.53
N THR A 196 7.05 -12.80 11.85
CA THR A 196 8.22 -12.47 11.05
C THR A 196 8.89 -11.21 11.57
N GLU A 197 8.32 -10.65 12.63
CA GLU A 197 8.85 -9.44 13.23
C GLU A 197 9.08 -8.36 12.18
N ARG A 198 8.00 -7.76 11.69
CA ARG A 198 8.11 -6.71 10.69
C ARG A 198 7.05 -5.65 10.93
N PHE A 199 6.80 -4.81 9.92
CA PHE A 199 5.79 -3.77 10.03
C PHE A 199 5.00 -3.73 8.74
N LEU A 200 3.67 -3.84 8.85
CA LEU A 200 2.82 -3.88 7.68
C LEU A 200 1.76 -2.80 7.71
N VAL A 201 1.36 -2.34 6.53
CA VAL A 201 0.34 -1.32 6.41
C VAL A 201 -0.80 -1.86 5.54
N ILE A 202 -2.02 -1.49 5.88
CA ILE A 202 -3.18 -1.94 5.12
C ILE A 202 -3.82 -0.74 4.42
N CYS A 203 -4.13 -0.89 3.14
CA CYS A 203 -4.73 0.21 2.39
C CYS A 203 -6.19 -0.09 2.09
N THR A 204 -7.04 0.92 2.22
CA THR A 204 -8.47 0.75 1.96
C THR A 204 -9.00 1.85 1.04
N MET A 205 -9.64 1.43 -0.05
CA MET A 205 -10.19 2.38 -1.02
C MET A 205 -11.71 2.23 -1.09
N CYS A 206 -12.33 3.05 -1.94
CA CYS A 206 -13.78 3.04 -2.12
C CYS A 206 -14.37 1.65 -1.91
N ASN A 207 -13.87 0.66 -2.64
CA ASN A 207 -14.38 -0.70 -2.51
C ASN A 207 -13.28 -1.73 -2.70
N GLN A 208 -12.05 -1.38 -2.31
CA GLN A 208 -10.92 -2.31 -2.44
C GLN A 208 -10.02 -2.23 -1.22
N LYS A 209 -9.24 -3.28 -1.00
CA LYS A 209 -8.33 -3.30 0.15
C LYS A 209 -7.10 -4.19 -0.13
N THR A 210 -5.91 -3.67 0.19
CA THR A 210 -4.68 -4.43 -0.03
C THR A 210 -3.89 -4.57 1.28
N ARG A 211 -2.84 -5.39 1.23
CA ARG A 211 -2.01 -5.63 2.41
C ARG A 211 -0.53 -5.64 2.03
N GLY A 212 0.29 -4.92 2.79
CA GLY A 212 1.72 -4.85 2.48
C GLY A 212 2.58 -5.19 3.70
N ILE A 213 3.23 -6.34 3.66
CA ILE A 213 4.11 -6.76 4.74
C ILE A 213 5.54 -6.36 4.40
N ARG A 214 6.14 -5.48 5.20
CA ARG A 214 7.51 -5.05 4.90
C ARG A 214 8.25 -4.55 6.14
N SER A 215 9.49 -4.11 5.90
CA SER A 215 10.35 -3.59 6.96
C SER A 215 9.72 -2.40 7.66
N LYS A 216 10.58 -1.42 8.01
CA LYS A 216 10.14 -0.22 8.72
C LYS A 216 8.76 0.27 8.27
N LYS A 217 8.22 1.21 9.03
CA LYS A 217 6.90 1.77 8.75
C LYS A 217 6.83 2.37 7.35
N LYS A 218 7.68 3.35 7.07
CA LYS A 218 7.68 3.99 5.76
C LYS A 218 7.73 2.94 4.65
N ASP A 219 8.49 1.88 4.89
CA ASP A 219 8.60 0.81 3.90
C ASP A 219 7.28 0.04 3.85
N ALA A 220 6.65 -0.08 5.01
CA ALA A 220 5.36 -0.76 5.10
C ALA A 220 4.29 0.02 4.35
N LYS A 221 4.31 1.34 4.53
CA LYS A 221 3.34 2.23 3.87
C LYS A 221 3.58 2.29 2.38
N ASN A 222 4.85 2.22 2.00
CA ASN A 222 5.24 2.29 0.60
C ASN A 222 4.63 1.14 -0.20
N LEU A 223 4.56 -0.04 0.42
CA LEU A 223 4.01 -1.20 -0.26
C LEU A 223 2.49 -1.13 -0.39
N ALA A 224 1.78 -0.95 0.74
CA ALA A 224 0.31 -0.89 0.70
C ALA A 224 -0.19 0.04 -0.39
N ALA A 225 0.31 1.27 -0.41
CA ALA A 225 -0.11 2.24 -1.42
C ALA A 225 0.33 1.79 -2.80
N TRP A 226 1.59 1.41 -2.91
CA TRP A 226 2.11 0.93 -4.18
C TRP A 226 1.33 -0.31 -4.63
N LEU A 227 0.74 -1.00 -3.66
CA LEU A 227 -0.05 -2.21 -3.95
C LEU A 227 -1.31 -1.85 -4.72
N MET A 228 -2.25 -1.20 -4.04
CA MET A 228 -3.51 -0.80 -4.66
C MET A 228 -3.24 -0.07 -5.96
N TRP A 229 -2.13 0.64 -6.03
CA TRP A 229 -1.75 1.38 -7.24
C TRP A 229 -1.72 0.41 -8.42
N LYS A 230 -1.08 -0.73 -8.18
CA LYS A 230 -0.98 -1.75 -9.21
C LYS A 230 -2.36 -2.36 -9.48
N ALA A 231 -3.15 -2.49 -8.42
CA ALA A 231 -4.48 -3.07 -8.54
C ALA A 231 -5.45 -2.04 -9.10
N LEU A 232 -5.06 -0.77 -9.07
CA LEU A 232 -5.90 0.30 -9.58
C LEU A 232 -5.91 0.30 -11.10
N GLU A 233 -4.74 0.07 -11.69
CA GLU A 233 -4.62 0.05 -13.14
C GLU A 233 -5.44 -1.08 -13.75
N ASP A 234 -5.46 -2.22 -13.06
CA ASP A 234 -6.21 -3.38 -13.54
C ASP A 234 -5.96 -3.61 -15.03
N GLY A 235 -4.75 -3.27 -15.48
CA GLY A 235 -4.38 -3.46 -16.87
C GLY A 235 -3.36 -2.42 -17.32
N ASN A 150 -14.13 -11.37 -0.20
CA ASN A 150 -12.82 -10.77 0.06
C ASN A 150 -12.28 -11.27 1.40
N ASP A 151 -13.00 -12.21 2.01
CA ASP A 151 -12.59 -12.78 3.29
C ASP A 151 -12.02 -14.18 3.08
N ASP A 152 -11.37 -14.38 1.94
CA ASP A 152 -10.79 -15.68 1.62
C ASP A 152 -9.29 -15.52 1.39
N SER A 153 -8.87 -14.29 1.12
CA SER A 153 -7.46 -13.99 0.89
C SER A 153 -7.34 -12.70 0.09
N ILE A 154 -7.22 -11.60 0.79
CA ILE A 154 -7.09 -10.30 0.15
C ILE A 154 -5.78 -10.22 -0.64
N PRO A 155 -5.71 -9.38 -1.65
CA PRO A 155 -4.47 -9.23 -2.47
C PRO A 155 -3.21 -9.21 -1.62
N THR A 156 -2.25 -10.07 -1.97
CA THR A 156 -0.98 -10.14 -1.25
C THR A 156 0.18 -10.12 -2.22
N SER A 157 1.14 -9.23 -1.99
CA SER A 157 2.30 -9.12 -2.86
C SER A 157 3.46 -8.45 -2.13
N ALA A 158 4.47 -9.25 -1.78
CA ALA A 158 5.64 -8.72 -1.08
C ALA A 158 6.83 -8.65 -2.03
N GLU A 159 7.43 -7.46 -2.13
CA GLU A 159 8.58 -7.27 -3.01
C GLU A 159 9.59 -6.32 -2.36
N PHE A 160 10.86 -6.49 -2.69
CA PHE A 160 11.90 -5.64 -2.13
C PHE A 160 12.09 -4.37 -2.98
N PRO A 161 12.03 -3.19 -2.40
CA PRO A 161 12.21 -1.92 -3.16
C PRO A 161 13.36 -1.99 -4.18
N PRO A 162 13.07 -2.10 -5.47
CA PRO A 162 14.12 -2.16 -6.52
C PRO A 162 15.08 -0.97 -6.45
N GLY A 163 15.50 -0.47 -7.62
CA GLY A 163 16.41 0.67 -7.67
C GLY A 163 15.65 1.93 -8.05
N ILE A 164 14.35 1.96 -7.75
CA ILE A 164 13.53 3.11 -8.07
C ILE A 164 13.76 4.25 -7.07
N SER A 165 13.51 5.48 -7.51
CA SER A 165 13.69 6.66 -6.66
C SER A 165 13.32 6.34 -5.20
N PRO A 166 14.29 6.08 -4.34
CA PRO A 166 14.02 5.75 -2.92
C PRO A 166 13.76 6.98 -2.05
N THR A 167 13.87 8.17 -2.66
CA THR A 167 13.64 9.41 -1.92
C THR A 167 12.31 10.04 -2.32
N GLU A 168 11.46 9.26 -2.98
CA GLU A 168 10.15 9.77 -3.40
C GLU A 168 9.05 9.24 -2.50
N ASN A 169 7.86 9.83 -2.61
CA ASN A 169 6.72 9.41 -1.80
C ASN A 169 5.69 8.68 -2.65
N TRP A 170 5.39 7.44 -2.27
CA TRP A 170 4.39 6.65 -2.98
C TRP A 170 3.01 6.88 -2.39
N VAL A 171 2.91 6.67 -1.09
CA VAL A 171 1.64 6.84 -0.38
C VAL A 171 0.99 8.15 -0.80
N GLY A 172 1.79 9.18 -0.99
CA GLY A 172 1.27 10.46 -1.42
C GLY A 172 0.95 10.38 -2.91
N LYS A 173 1.71 9.56 -3.62
CA LYS A 173 1.51 9.38 -5.03
C LYS A 173 0.13 8.79 -5.30
N LEU A 174 -0.36 7.93 -4.40
CA LEU A 174 -1.67 7.35 -4.58
C LEU A 174 -2.75 8.39 -4.30
N GLN A 175 -2.78 8.92 -3.08
CA GLN A 175 -3.77 9.94 -2.76
C GLN A 175 -3.79 11.01 -3.85
N GLU A 176 -2.59 11.39 -4.30
CA GLU A 176 -2.48 12.38 -5.35
C GLU A 176 -3.06 11.82 -6.65
N LYS A 177 -2.91 10.51 -6.83
CA LYS A 177 -3.44 9.88 -8.03
C LYS A 177 -4.96 9.99 -8.04
N SER A 178 -5.57 9.83 -6.87
CA SER A 178 -7.02 9.93 -6.78
C SER A 178 -7.47 11.25 -7.37
N GLN A 179 -6.87 12.34 -6.90
CA GLN A 179 -7.23 13.66 -7.41
C GLN A 179 -7.12 13.66 -8.93
N LYS A 180 -6.21 12.84 -9.46
CA LYS A 180 -6.01 12.75 -10.89
C LYS A 180 -7.20 12.05 -11.55
N SER A 181 -7.75 11.05 -10.87
CA SER A 181 -8.90 10.30 -11.41
C SER A 181 -10.17 10.59 -10.61
N LYS A 182 -10.12 11.61 -9.77
CA LYS A 182 -11.28 11.98 -8.95
C LYS A 182 -11.76 10.80 -8.11
N LEU A 183 -10.87 10.23 -7.30
CA LEU A 183 -11.23 9.11 -6.44
C LEU A 183 -11.13 9.51 -4.97
N GLN A 184 -11.45 8.58 -4.08
CA GLN A 184 -11.40 8.84 -2.65
C GLN A 184 -9.99 8.62 -2.10
N ALA A 185 -9.76 9.04 -0.86
CA ALA A 185 -8.46 8.88 -0.22
C ALA A 185 -8.43 7.59 0.61
N PRO A 186 -7.40 6.76 0.48
CA PRO A 186 -7.30 5.50 1.27
C PRO A 186 -6.86 5.73 2.71
N ILE A 187 -7.08 4.73 3.56
CA ILE A 187 -6.67 4.83 4.96
C ILE A 187 -5.55 3.84 5.25
N TYR A 188 -4.61 4.24 6.11
CA TYR A 188 -3.46 3.38 6.43
C TYR A 188 -3.41 3.04 7.92
N GLU A 189 -3.25 1.74 8.24
CA GLU A 189 -3.16 1.31 9.64
C GLU A 189 -1.85 0.53 9.81
N ASP A 190 -1.02 0.95 10.77
CA ASP A 190 0.25 0.28 10.97
C ASP A 190 0.19 -0.82 12.05
N SER A 191 0.75 -1.97 11.71
CA SER A 191 0.77 -3.11 12.61
C SER A 191 1.96 -4.00 12.30
N LYS A 192 2.43 -4.77 13.27
CA LYS A 192 3.57 -5.65 13.06
C LYS A 192 3.27 -7.04 13.60
N ASN A 193 3.39 -8.05 12.74
CA ASN A 193 3.14 -9.42 13.15
C ASN A 193 4.42 -10.08 13.65
N GLU A 194 4.39 -10.55 14.89
CA GLU A 194 5.56 -11.19 15.48
C GLU A 194 5.86 -12.50 14.76
N ARG A 195 4.86 -13.01 14.04
CA ARG A 195 5.02 -14.26 13.30
C ARG A 195 6.20 -14.16 12.34
N THR A 196 6.36 -13.00 11.72
CA THR A 196 7.45 -12.78 10.77
C THR A 196 8.32 -11.61 11.21
N GLU A 197 7.95 -10.99 12.32
CA GLU A 197 8.70 -9.85 12.86
C GLU A 197 8.93 -8.80 11.79
N ARG A 198 7.86 -8.14 11.36
CA ARG A 198 7.96 -7.10 10.34
C ARG A 198 6.98 -5.97 10.64
N PHE A 199 6.78 -5.08 9.68
CA PHE A 199 5.85 -3.98 9.84
C PHE A 199 4.98 -3.90 8.59
N LEU A 200 3.67 -3.89 8.77
CA LEU A 200 2.76 -3.88 7.64
C LEU A 200 1.71 -2.79 7.74
N VAL A 201 1.28 -2.31 6.59
CA VAL A 201 0.26 -1.29 6.51
C VAL A 201 -0.94 -1.84 5.76
N ILE A 202 -2.15 -1.46 6.18
CA ILE A 202 -3.36 -1.93 5.52
C ILE A 202 -4.04 -0.77 4.80
N CYS A 203 -4.46 -1.01 3.56
CA CYS A 203 -5.11 0.02 2.77
C CYS A 203 -6.61 -0.26 2.66
N THR A 204 -7.41 0.78 2.82
CA THR A 204 -8.87 0.64 2.73
C THR A 204 -9.46 1.71 1.82
N MET A 205 -10.20 1.28 0.80
CA MET A 205 -10.81 2.22 -0.14
C MET A 205 -12.29 1.88 -0.31
N CYS A 206 -13.01 2.78 -0.98
CA CYS A 206 -14.44 2.58 -1.23
C CYS A 206 -14.81 1.10 -1.37
N ASN A 207 -14.11 0.40 -2.25
CA ASN A 207 -14.39 -1.02 -2.46
C ASN A 207 -13.11 -1.79 -2.77
N GLN A 208 -11.98 -1.32 -2.24
CA GLN A 208 -10.72 -2.01 -2.47
C GLN A 208 -9.86 -1.99 -1.21
N LYS A 209 -9.10 -3.05 -1.00
CA LYS A 209 -8.25 -3.15 0.18
C LYS A 209 -7.05 -4.05 -0.11
N THR A 210 -5.86 -3.58 0.25
CA THR A 210 -4.64 -4.35 0.02
C THR A 210 -3.80 -4.43 1.29
N ARG A 211 -2.75 -5.25 1.27
CA ARG A 211 -1.88 -5.41 2.43
C ARG A 211 -0.43 -5.54 1.99
N GLY A 212 0.46 -4.87 2.72
CA GLY A 212 1.88 -4.93 2.40
C GLY A 212 2.73 -5.22 3.64
N ILE A 213 3.35 -6.40 3.65
CA ILE A 213 4.20 -6.80 4.77
C ILE A 213 5.65 -6.42 4.46
N ARG A 214 6.15 -5.37 5.10
CA ARG A 214 7.52 -4.92 4.84
C ARG A 214 8.24 -4.45 6.09
N SER A 215 9.46 -3.95 5.89
CA SER A 215 10.30 -3.46 6.97
C SER A 215 9.65 -2.28 7.70
N LYS A 216 10.49 -1.31 8.08
CA LYS A 216 10.03 -0.12 8.80
C LYS A 216 8.66 0.36 8.33
N LYS A 217 8.07 1.29 9.08
CA LYS A 217 6.77 1.84 8.74
C LYS A 217 6.74 2.37 7.32
N LYS A 218 7.65 3.28 7.00
CA LYS A 218 7.70 3.87 5.66
C LYS A 218 7.72 2.77 4.60
N ASP A 219 8.42 1.67 4.90
CA ASP A 219 8.50 0.56 3.97
C ASP A 219 7.15 -0.15 3.89
N ALA A 220 6.46 -0.20 5.01
CA ALA A 220 5.16 -0.84 5.08
C ALA A 220 4.12 -0.01 4.31
N LYS A 221 4.20 1.30 4.49
CA LYS A 221 3.26 2.22 3.83
C LYS A 221 3.46 2.21 2.33
N ASN A 222 4.70 2.02 1.91
CA ASN A 222 5.01 2.01 0.48
C ASN A 222 4.37 0.83 -0.22
N LEU A 223 4.58 -0.36 0.32
CA LEU A 223 4.03 -1.58 -0.29
C LEU A 223 2.49 -1.56 -0.31
N ALA A 224 1.87 -1.01 0.73
CA ALA A 224 0.40 -0.96 0.80
C ALA A 224 -0.18 -0.03 -0.26
N ALA A 225 0.34 1.19 -0.32
CA ALA A 225 -0.14 2.16 -1.30
C ALA A 225 0.31 1.73 -2.69
N TRP A 226 1.59 1.39 -2.80
CA TRP A 226 2.12 0.92 -4.08
C TRP A 226 1.27 -0.25 -4.60
N LEU A 227 0.75 -1.06 -3.67
CA LEU A 227 -0.08 -2.21 -4.05
C LEU A 227 -1.32 -1.75 -4.80
N MET A 228 -2.13 -0.92 -4.15
CA MET A 228 -3.35 -0.43 -4.77
C MET A 228 -3.05 0.26 -6.10
N TRP A 229 -1.90 0.92 -6.17
CA TRP A 229 -1.51 1.60 -7.41
C TRP A 229 -1.52 0.60 -8.56
N LYS A 230 -0.97 -0.57 -8.29
CA LYS A 230 -0.90 -1.62 -9.30
C LYS A 230 -2.28 -2.21 -9.52
N ALA A 231 -3.05 -2.35 -8.44
CA ALA A 231 -4.39 -2.90 -8.53
C ALA A 231 -5.35 -1.90 -9.15
N LEU A 232 -4.97 -0.62 -9.11
CA LEU A 232 -5.82 0.43 -9.67
C LEU A 232 -5.74 0.42 -11.20
N GLU A 233 -4.54 0.20 -11.73
CA GLU A 233 -4.36 0.17 -13.19
C GLU A 233 -5.29 -0.85 -13.82
N ASP A 234 -5.52 -1.95 -13.12
CA ASP A 234 -6.40 -3.00 -13.63
C ASP A 234 -7.85 -2.68 -13.28
N GLY A 235 -8.04 -1.76 -12.35
CA GLY A 235 -9.39 -1.37 -11.93
C GLY A 235 -10.21 -0.88 -13.12
N ASN A 150 -13.39 -10.39 -0.43
CA ASN A 150 -12.33 -9.72 0.31
C ASN A 150 -12.06 -10.42 1.64
N ASP A 151 -13.13 -10.96 2.24
CA ASP A 151 -13.00 -11.66 3.52
C ASP A 151 -12.57 -13.11 3.29
N ASP A 152 -12.00 -13.38 2.12
CA ASP A 152 -11.56 -14.74 1.79
C ASP A 152 -10.08 -14.73 1.44
N SER A 153 -9.58 -13.56 1.04
CA SER A 153 -8.18 -13.42 0.68
C SER A 153 -7.99 -12.17 -0.17
N ILE A 154 -7.68 -11.07 0.49
CA ILE A 154 -7.47 -9.80 -0.22
C ILE A 154 -6.17 -9.88 -1.01
N PRO A 155 -6.06 -9.12 -2.09
CA PRO A 155 -4.82 -9.14 -2.94
C PRO A 155 -3.59 -8.73 -2.15
N THR A 156 -2.54 -9.55 -2.21
CA THR A 156 -1.31 -9.26 -1.50
C THR A 156 -0.09 -9.58 -2.36
N SER A 157 0.95 -8.77 -2.23
CA SER A 157 2.17 -8.98 -3.00
C SER A 157 3.36 -8.30 -2.34
N ALA A 158 4.40 -9.06 -2.03
CA ALA A 158 5.59 -8.50 -1.40
C ALA A 158 6.74 -8.45 -2.39
N GLU A 159 7.29 -7.25 -2.61
CA GLU A 159 8.41 -7.08 -3.53
C GLU A 159 8.87 -5.62 -3.53
N PHE A 160 10.10 -5.40 -4.00
CA PHE A 160 10.65 -4.05 -4.08
C PHE A 160 10.79 -3.62 -5.54
N PRO A 161 9.87 -2.82 -6.04
CA PRO A 161 9.92 -2.36 -7.46
C PRO A 161 10.80 -1.11 -7.63
N PRO A 162 11.89 -1.19 -8.38
CA PRO A 162 12.78 -0.02 -8.60
C PRO A 162 12.23 0.93 -9.66
N GLY A 163 12.53 2.21 -9.52
CA GLY A 163 12.06 3.21 -10.48
C GLY A 163 11.88 4.56 -9.81
N ILE A 164 11.38 4.55 -8.58
CA ILE A 164 11.16 5.78 -7.84
C ILE A 164 12.29 6.02 -6.86
N SER A 165 12.73 7.27 -6.74
CA SER A 165 13.82 7.61 -5.84
C SER A 165 13.44 7.25 -4.40
N PRO A 166 14.41 7.00 -3.55
CA PRO A 166 14.14 6.64 -2.12
C PRO A 166 13.73 7.84 -1.28
N THR A 167 13.74 9.03 -1.90
CA THR A 167 13.36 10.25 -1.19
C THR A 167 12.00 10.76 -1.67
N GLU A 168 11.31 9.95 -2.47
CA GLU A 168 10.01 10.33 -2.98
C GLU A 168 8.90 9.73 -2.13
N ASN A 169 7.67 10.22 -2.32
CA ASN A 169 6.52 9.73 -1.57
C ASN A 169 5.62 8.86 -2.44
N TRP A 170 5.38 7.63 -2.01
CA TRP A 170 4.50 6.73 -2.74
C TRP A 170 3.06 6.91 -2.26
N VAL A 171 2.86 6.68 -0.97
CA VAL A 171 1.54 6.81 -0.35
C VAL A 171 0.87 8.10 -0.79
N GLY A 172 1.66 9.15 -0.95
CA GLY A 172 1.12 10.42 -1.40
C GLY A 172 0.84 10.35 -2.90
N LYS A 173 1.63 9.50 -3.57
CA LYS A 173 1.47 9.32 -5.00
C LYS A 173 0.11 8.70 -5.31
N LEU A 174 -0.39 7.86 -4.40
CA LEU A 174 -1.71 7.25 -4.62
C LEU A 174 -2.79 8.29 -4.39
N GLN A 175 -2.85 8.83 -3.18
CA GLN A 175 -3.85 9.85 -2.87
C GLN A 175 -3.82 10.93 -3.94
N GLU A 176 -2.61 11.30 -4.36
CA GLU A 176 -2.45 12.31 -5.40
C GLU A 176 -3.00 11.78 -6.72
N LYS A 177 -2.86 10.48 -6.93
CA LYS A 177 -3.35 9.86 -8.15
C LYS A 177 -4.88 9.92 -8.18
N SER A 178 -5.50 9.70 -7.03
CA SER A 178 -6.95 9.74 -6.93
C SER A 178 -7.50 11.07 -7.44
N GLN A 179 -7.04 12.17 -6.86
CA GLN A 179 -7.51 13.49 -7.29
C GLN A 179 -7.30 13.62 -8.80
N LYS A 180 -6.25 12.97 -9.28
CA LYS A 180 -5.94 12.99 -10.70
C LYS A 180 -7.04 12.25 -11.47
N SER A 181 -7.58 11.21 -10.84
CA SER A 181 -8.64 10.43 -11.47
C SER A 181 -10.00 10.77 -10.85
N LYS A 182 -10.00 11.76 -9.96
CA LYS A 182 -11.22 12.18 -9.29
C LYS A 182 -11.80 11.05 -8.42
N LEU A 183 -10.97 10.53 -7.52
CA LEU A 183 -11.41 9.45 -6.63
C LEU A 183 -11.34 9.91 -5.18
N GLN A 184 -11.67 9.00 -4.26
CA GLN A 184 -11.64 9.32 -2.84
C GLN A 184 -10.23 9.20 -2.28
N ALA A 185 -10.08 9.50 -0.99
CA ALA A 185 -8.78 9.42 -0.34
C ALA A 185 -8.71 8.17 0.57
N PRO A 186 -7.78 7.26 0.35
CA PRO A 186 -7.68 6.03 1.19
C PRO A 186 -6.98 6.30 2.53
N ILE A 187 -7.20 5.39 3.48
CA ILE A 187 -6.58 5.50 4.80
C ILE A 187 -5.79 4.24 5.10
N TYR A 188 -4.87 4.29 6.08
CA TYR A 188 -4.07 3.11 6.39
C TYR A 188 -3.82 2.95 7.88
N GLU A 189 -3.49 1.71 8.28
CA GLU A 189 -3.21 1.43 9.70
C GLU A 189 -1.93 0.59 9.80
N ASP A 190 -1.08 0.92 10.77
CA ASP A 190 0.19 0.20 10.93
C ASP A 190 0.11 -0.87 12.02
N SER A 191 0.63 -2.05 11.69
CA SER A 191 0.65 -3.16 12.64
C SER A 191 1.82 -4.09 12.35
N LYS A 192 2.28 -4.82 13.36
CA LYS A 192 3.40 -5.73 13.19
C LYS A 192 3.03 -7.11 13.71
N ASN A 193 3.12 -8.11 12.84
CA ASN A 193 2.80 -9.48 13.22
C ASN A 193 4.01 -10.18 13.82
N GLU A 194 3.83 -10.74 15.02
CA GLU A 194 4.92 -11.44 15.70
C GLU A 194 5.33 -12.69 14.93
N ARG A 195 4.37 -13.29 14.23
CA ARG A 195 4.64 -14.49 13.46
C ARG A 195 5.74 -14.25 12.41
N THR A 196 5.70 -13.08 11.79
CA THR A 196 6.69 -12.73 10.77
C THR A 196 7.65 -11.65 11.28
N GLU A 197 7.42 -11.21 12.50
CA GLU A 197 8.27 -10.17 13.11
C GLU A 197 8.63 -9.11 12.07
N ARG A 198 7.63 -8.35 11.63
CA ARG A 198 7.87 -7.30 10.64
C ARG A 198 6.91 -6.14 10.90
N PHE A 199 6.70 -5.30 9.90
CA PHE A 199 5.77 -4.18 10.04
C PHE A 199 4.97 -4.05 8.76
N LEU A 200 3.65 -3.97 8.88
CA LEU A 200 2.80 -3.90 7.70
C LEU A 200 1.76 -2.82 7.81
N VAL A 201 1.32 -2.34 6.65
CA VAL A 201 0.30 -1.32 6.58
C VAL A 201 -0.87 -1.85 5.76
N ILE A 202 -2.08 -1.48 6.13
CA ILE A 202 -3.27 -1.92 5.41
C ILE A 202 -3.85 -0.73 4.67
N CYS A 203 -4.29 -0.95 3.43
CA CYS A 203 -4.85 0.14 2.63
C CYS A 203 -6.34 -0.09 2.40
N THR A 204 -7.13 0.97 2.51
CA THR A 204 -8.57 0.86 2.32
C THR A 204 -9.06 1.94 1.36
N MET A 205 -9.81 1.50 0.34
CA MET A 205 -10.36 2.42 -0.65
C MET A 205 -11.87 2.22 -0.77
N CYS A 206 -12.53 3.14 -1.47
CA CYS A 206 -13.97 3.08 -1.66
C CYS A 206 -14.45 1.64 -1.86
N ASN A 207 -13.69 0.85 -2.62
CA ASN A 207 -14.09 -0.54 -2.86
C ASN A 207 -12.88 -1.45 -3.09
N GLN A 208 -11.74 -1.09 -2.51
CA GLN A 208 -10.54 -1.91 -2.66
C GLN A 208 -9.78 -1.99 -1.34
N LYS A 209 -9.04 -3.07 -1.15
CA LYS A 209 -8.27 -3.25 0.08
C LYS A 209 -7.04 -4.13 -0.18
N THR A 210 -5.87 -3.66 0.23
CA THR A 210 -4.64 -4.41 0.03
C THR A 210 -3.80 -4.45 1.31
N ARG A 211 -2.73 -5.24 1.28
CA ARG A 211 -1.86 -5.35 2.46
C ARG A 211 -0.40 -5.44 2.02
N GLY A 212 0.47 -4.73 2.74
CA GLY A 212 1.90 -4.74 2.42
C GLY A 212 2.75 -5.05 3.65
N ILE A 213 3.33 -6.25 3.66
CA ILE A 213 4.18 -6.67 4.77
C ILE A 213 5.64 -6.34 4.43
N ARG A 214 6.23 -5.40 5.16
CA ARG A 214 7.62 -5.04 4.89
C ARG A 214 8.36 -4.47 6.10
N SER A 215 9.60 -4.06 5.86
CA SER A 215 10.46 -3.50 6.90
C SER A 215 9.81 -2.30 7.60
N LYS A 216 10.65 -1.31 7.94
CA LYS A 216 10.20 -0.10 8.64
C LYS A 216 8.83 0.36 8.17
N LYS A 217 8.25 1.30 8.92
CA LYS A 217 6.93 1.84 8.61
C LYS A 217 6.87 2.36 7.18
N LYS A 218 7.79 3.22 6.80
CA LYS A 218 7.80 3.77 5.45
C LYS A 218 7.76 2.66 4.41
N ASP A 219 8.49 1.57 4.69
CA ASP A 219 8.51 0.44 3.77
C ASP A 219 7.16 -0.27 3.78
N ALA A 220 6.54 -0.31 4.96
CA ALA A 220 5.24 -0.95 5.10
C ALA A 220 4.16 -0.12 4.39
N LYS A 221 4.23 1.20 4.58
CA LYS A 221 3.27 2.12 3.97
C LYS A 221 3.43 2.16 2.46
N ASN A 222 4.66 2.03 2.01
CA ASN A 222 4.95 2.06 0.59
C ASN A 222 4.31 0.89 -0.15
N LEU A 223 4.56 -0.31 0.33
CA LEU A 223 4.02 -1.51 -0.30
C LEU A 223 2.49 -1.52 -0.29
N ALA A 224 1.87 -0.98 0.76
CA ALA A 224 0.40 -0.97 0.84
C ALA A 224 -0.22 -0.05 -0.22
N ALA A 225 0.26 1.17 -0.29
CA ALA A 225 -0.26 2.12 -1.28
C ALA A 225 0.22 1.72 -2.66
N TRP A 226 1.51 1.45 -2.77
CA TRP A 226 2.07 1.02 -4.05
C TRP A 226 1.28 -0.19 -4.57
N LEU A 227 0.77 -1.01 -3.65
CA LEU A 227 -0.02 -2.18 -4.04
C LEU A 227 -1.26 -1.75 -4.80
N MET A 228 -2.03 -0.85 -4.20
CA MET A 228 -3.25 -0.36 -4.84
C MET A 228 -2.93 0.37 -6.15
N TRP A 229 -1.77 1.01 -6.22
CA TRP A 229 -1.39 1.71 -7.43
C TRP A 229 -1.45 0.76 -8.62
N LYS A 230 -0.92 -0.44 -8.40
CA LYS A 230 -0.92 -1.46 -9.44
C LYS A 230 -2.33 -1.99 -9.68
N ALA A 231 -3.12 -2.03 -8.62
CA ALA A 231 -4.49 -2.52 -8.73
C ALA A 231 -5.41 -1.43 -9.26
N LEU A 232 -4.96 -0.18 -9.18
CA LEU A 232 -5.75 0.94 -9.66
C LEU A 232 -5.72 0.99 -11.20
N GLU A 233 -4.56 0.69 -11.76
CA GLU A 233 -4.40 0.70 -13.21
C GLU A 233 -5.46 -0.16 -13.88
N ASP A 234 -5.83 -1.25 -13.23
CA ASP A 234 -6.85 -2.14 -13.78
C ASP A 234 -8.25 -1.62 -13.48
N GLY A 235 -8.32 -0.54 -12.70
CA GLY A 235 -9.60 0.05 -12.36
C GLY A 235 -10.15 0.88 -13.51
N ASN A 150 -9.16 -12.97 7.40
CA ASN A 150 -10.45 -13.44 7.92
C ASN A 150 -11.60 -12.64 7.34
N ASP A 151 -11.31 -11.41 6.92
CA ASP A 151 -12.34 -10.54 6.36
C ASP A 151 -13.04 -11.24 5.20
N ASP A 152 -12.39 -11.27 4.04
CA ASP A 152 -12.98 -11.91 2.87
C ASP A 152 -11.91 -12.65 2.05
N SER A 153 -10.88 -11.91 1.64
CA SER A 153 -9.78 -12.48 0.86
C SER A 153 -9.16 -11.38 0.00
N ILE A 154 -8.11 -10.77 0.52
CA ILE A 154 -7.43 -9.69 -0.20
C ILE A 154 -6.10 -10.19 -0.77
N PRO A 155 -5.65 -9.64 -1.88
CA PRO A 155 -4.36 -10.05 -2.51
C PRO A 155 -3.16 -9.56 -1.71
N THR A 156 -2.02 -10.23 -1.88
CA THR A 156 -0.80 -9.86 -1.16
C THR A 156 0.40 -9.89 -2.11
N SER A 157 1.34 -8.98 -1.89
CA SER A 157 2.53 -8.92 -2.74
C SER A 157 3.67 -8.19 -2.03
N ALA A 158 4.75 -8.92 -1.76
CA ALA A 158 5.91 -8.35 -1.09
C ALA A 158 7.09 -8.25 -2.06
N GLU A 159 7.64 -7.04 -2.18
CA GLU A 159 8.78 -6.82 -3.07
C GLU A 159 9.84 -5.98 -2.38
N PHE A 160 11.11 -6.28 -2.66
CA PHE A 160 12.21 -5.55 -2.06
C PHE A 160 12.54 -4.31 -2.89
N PRO A 161 13.16 -3.33 -2.30
CA PRO A 161 13.54 -2.07 -3.00
C PRO A 161 13.92 -2.31 -4.47
N PRO A 162 13.01 -2.09 -5.40
CA PRO A 162 13.28 -2.30 -6.84
C PRO A 162 14.02 -1.12 -7.47
N GLY A 163 13.78 0.07 -6.95
CA GLY A 163 14.43 1.27 -7.47
C GLY A 163 13.53 2.49 -7.29
N ILE A 164 13.59 3.08 -6.09
CA ILE A 164 12.79 4.26 -5.78
C ILE A 164 13.68 5.43 -5.40
N SER A 165 13.17 6.65 -5.58
CA SER A 165 13.93 7.84 -5.25
C SER A 165 14.04 7.99 -3.73
N PRO A 166 14.98 8.76 -3.26
CA PRO A 166 15.19 8.97 -1.80
C PRO A 166 14.10 9.81 -1.13
N THR A 167 13.55 10.78 -1.86
CA THR A 167 12.52 11.64 -1.29
C THR A 167 11.14 11.36 -1.90
N GLU A 168 11.09 10.55 -2.94
CA GLU A 168 9.82 10.23 -3.59
C GLU A 168 8.86 9.57 -2.61
N ASN A 169 7.59 9.98 -2.66
CA ASN A 169 6.57 9.43 -1.80
C ASN A 169 5.58 8.59 -2.61
N TRP A 170 5.30 7.38 -2.14
CA TRP A 170 4.36 6.51 -2.82
C TRP A 170 2.94 6.76 -2.32
N VAL A 171 2.80 6.71 -1.01
CA VAL A 171 1.50 6.93 -0.37
C VAL A 171 0.87 8.22 -0.87
N GLY A 172 1.71 9.20 -1.17
CA GLY A 172 1.22 10.46 -1.69
C GLY A 172 0.93 10.30 -3.16
N LYS A 173 1.68 9.39 -3.80
CA LYS A 173 1.49 9.13 -5.21
C LYS A 173 0.10 8.59 -5.48
N LEU A 174 -0.44 7.80 -4.54
CA LEU A 174 -1.78 7.26 -4.72
C LEU A 174 -2.82 8.35 -4.45
N GLN A 175 -2.83 8.89 -3.23
CA GLN A 175 -3.78 9.94 -2.90
C GLN A 175 -3.74 11.06 -3.94
N GLU A 176 -2.53 11.52 -4.25
CA GLU A 176 -2.38 12.58 -5.25
C GLU A 176 -2.93 12.11 -6.59
N LYS A 177 -2.78 10.82 -6.87
CA LYS A 177 -3.27 10.27 -8.12
C LYS A 177 -4.79 10.18 -8.10
N SER A 178 -5.38 9.89 -6.95
CA SER A 178 -6.83 9.80 -6.84
C SER A 178 -7.47 11.08 -7.37
N GLN A 179 -7.09 12.21 -6.78
CA GLN A 179 -7.63 13.49 -7.24
C GLN A 179 -7.38 13.63 -8.73
N LYS A 180 -6.23 13.10 -9.16
CA LYS A 180 -5.86 13.15 -10.57
C LYS A 180 -6.79 12.25 -11.38
N SER A 181 -7.35 11.24 -10.72
CA SER A 181 -8.26 10.31 -11.37
C SER A 181 -9.69 10.50 -10.86
N LYS A 182 -9.89 11.57 -10.08
CA LYS A 182 -11.20 11.88 -9.52
C LYS A 182 -11.68 10.76 -8.58
N LEU A 183 -10.89 10.49 -7.55
CA LEU A 183 -11.24 9.46 -6.57
C LEU A 183 -11.15 10.02 -5.15
N GLN A 184 -11.38 9.17 -4.16
CA GLN A 184 -11.32 9.60 -2.76
C GLN A 184 -9.95 9.35 -2.17
N ALA A 185 -9.76 9.77 -0.92
CA ALA A 185 -8.48 9.59 -0.23
C ALA A 185 -8.52 8.33 0.63
N PRO A 186 -7.62 7.39 0.46
CA PRO A 186 -7.61 6.13 1.27
C PRO A 186 -7.02 6.32 2.67
N ILE A 187 -7.34 5.38 3.56
CA ILE A 187 -6.84 5.42 4.94
C ILE A 187 -6.01 4.17 5.20
N TYR A 188 -5.10 4.23 6.16
CA TYR A 188 -4.25 3.06 6.45
C TYR A 188 -3.98 2.87 7.94
N GLU A 189 -3.62 1.64 8.31
CA GLU A 189 -3.30 1.33 9.72
C GLU A 189 -2.01 0.53 9.80
N ASP A 190 -1.16 0.84 10.78
CA ASP A 190 0.12 0.14 10.91
C ASP A 190 0.10 -0.92 12.02
N SER A 191 0.65 -2.09 11.69
CA SER A 191 0.72 -3.21 12.64
C SER A 191 1.91 -4.10 12.31
N LYS A 192 2.38 -4.87 13.31
CA LYS A 192 3.52 -5.75 13.10
C LYS A 192 3.20 -7.16 13.57
N ASN A 193 3.34 -8.14 12.68
CA ASN A 193 3.05 -9.53 13.02
C ASN A 193 4.27 -10.19 13.64
N GLU A 194 4.10 -10.72 14.85
CA GLU A 194 5.19 -11.38 15.54
C GLU A 194 5.57 -12.68 14.84
N ARG A 195 4.66 -13.19 14.02
CA ARG A 195 4.90 -14.43 13.30
C ARG A 195 6.16 -14.33 12.45
N THR A 196 6.33 -13.20 11.78
CA THR A 196 7.49 -12.97 10.92
C THR A 196 8.30 -11.78 11.40
N GLU A 197 7.81 -11.13 12.46
CA GLU A 197 8.50 -9.97 13.02
C GLU A 197 8.77 -8.92 11.94
N ARG A 198 7.72 -8.25 11.49
CA ARG A 198 7.88 -7.22 10.47
C ARG A 198 6.93 -6.06 10.74
N PHE A 199 6.71 -5.22 9.73
CA PHE A 199 5.80 -4.10 9.86
C PHE A 199 4.94 -4.02 8.62
N LEU A 200 3.62 -3.94 8.79
CA LEU A 200 2.72 -3.92 7.65
C LEU A 200 1.68 -2.82 7.76
N VAL A 201 1.29 -2.31 6.61
CA VAL A 201 0.29 -1.28 6.52
C VAL A 201 -0.86 -1.81 5.67
N ILE A 202 -2.08 -1.44 6.01
CA ILE A 202 -3.25 -1.89 5.25
C ILE A 202 -3.89 -0.69 4.57
N CYS A 203 -4.24 -0.84 3.30
CA CYS A 203 -4.86 0.26 2.55
C CYS A 203 -6.34 0.01 2.36
N THR A 204 -7.14 1.07 2.50
CA THR A 204 -8.58 0.96 2.34
C THR A 204 -9.09 2.02 1.36
N MET A 205 -9.85 1.57 0.36
CA MET A 205 -10.40 2.48 -0.64
C MET A 205 -11.91 2.27 -0.79
N CYS A 206 -12.55 3.17 -1.53
CA CYS A 206 -13.98 3.09 -1.76
C CYS A 206 -14.47 1.65 -1.87
N ASN A 207 -13.79 0.85 -2.67
CA ASN A 207 -14.18 -0.55 -2.85
C ASN A 207 -12.97 -1.44 -3.08
N GLN A 208 -11.84 -1.08 -2.48
CA GLN A 208 -10.63 -1.88 -2.63
C GLN A 208 -9.85 -1.93 -1.32
N LYS A 209 -9.10 -3.01 -1.14
CA LYS A 209 -8.29 -3.16 0.07
C LYS A 209 -7.06 -4.03 -0.22
N THR A 210 -5.89 -3.53 0.18
CA THR A 210 -4.65 -4.27 -0.05
C THR A 210 -3.83 -4.36 1.24
N ARG A 211 -2.75 -5.13 1.19
CA ARG A 211 -1.90 -5.29 2.37
C ARG A 211 -0.43 -5.37 1.95
N GLY A 212 0.41 -4.67 2.70
CA GLY A 212 1.84 -4.64 2.39
C GLY A 212 2.69 -5.06 3.58
N ILE A 213 3.16 -6.30 3.57
CA ILE A 213 4.01 -6.81 4.65
C ILE A 213 5.46 -6.50 4.32
N ARG A 214 6.06 -5.54 5.04
CA ARG A 214 7.45 -5.17 4.75
C ARG A 214 8.19 -4.66 5.99
N SER A 215 9.44 -4.25 5.76
CA SER A 215 10.31 -3.73 6.81
C SER A 215 9.68 -2.55 7.55
N LYS A 216 10.54 -1.58 7.89
CA LYS A 216 10.14 -0.38 8.62
C LYS A 216 8.76 0.13 8.23
N LYS A 217 8.26 1.08 9.01
CA LYS A 217 6.95 1.67 8.77
C LYS A 217 6.85 2.25 7.36
N LYS A 218 7.79 3.11 6.99
CA LYS A 218 7.76 3.73 5.67
C LYS A 218 7.74 2.67 4.58
N ASP A 219 8.55 1.63 4.75
CA ASP A 219 8.61 0.55 3.77
C ASP A 219 7.29 -0.21 3.76
N ALA A 220 6.67 -0.29 4.93
CA ALA A 220 5.39 -0.97 5.06
C ALA A 220 4.27 -0.14 4.42
N LYS A 221 4.36 1.17 4.63
CA LYS A 221 3.36 2.10 4.10
C LYS A 221 3.48 2.26 2.59
N ASN A 222 4.71 2.22 2.10
CA ASN A 222 4.97 2.37 0.67
C ASN A 222 4.41 1.17 -0.10
N LEU A 223 4.67 -0.03 0.41
CA LEU A 223 4.20 -1.25 -0.26
C LEU A 223 2.67 -1.32 -0.30
N ALA A 224 2.00 -0.86 0.77
CA ALA A 224 0.53 -0.91 0.81
C ALA A 224 -0.10 0.00 -0.25
N ALA A 225 0.35 1.25 -0.27
CA ALA A 225 -0.18 2.21 -1.24
C ALA A 225 0.26 1.84 -2.65
N TRP A 226 1.56 1.56 -2.78
CA TRP A 226 2.09 1.15 -4.07
C TRP A 226 1.32 -0.06 -4.59
N LEU A 227 0.82 -0.88 -3.67
CA LEU A 227 0.05 -2.07 -4.03
C LEU A 227 -1.21 -1.68 -4.79
N MET A 228 -2.03 -0.85 -4.16
CA MET A 228 -3.28 -0.42 -4.79
C MET A 228 -3.00 0.26 -6.13
N TRP A 229 -1.85 0.91 -6.25
CA TRP A 229 -1.50 1.57 -7.51
C TRP A 229 -1.51 0.55 -8.62
N LYS A 230 -0.91 -0.60 -8.35
CA LYS A 230 -0.85 -1.69 -9.33
C LYS A 230 -2.23 -2.33 -9.49
N ALA A 231 -2.94 -2.47 -8.38
CA ALA A 231 -4.27 -3.06 -8.40
C ALA A 231 -5.28 -2.09 -9.01
N LEU A 232 -4.93 -0.81 -9.03
CA LEU A 232 -5.81 0.21 -9.59
C LEU A 232 -5.81 0.11 -11.12
N GLU A 233 -4.62 -0.06 -11.68
CA GLU A 233 -4.50 -0.17 -13.13
C GLU A 233 -5.44 -1.23 -13.68
N ASP A 234 -5.65 -2.30 -12.91
CA ASP A 234 -6.54 -3.36 -13.32
C ASP A 234 -6.17 -3.88 -14.71
N GLY A 235 -4.88 -3.77 -15.04
CA GLY A 235 -4.41 -4.22 -16.34
C GLY A 235 -4.06 -5.71 -16.30
N ASN A 150 -9.53 -11.15 7.08
CA ASN A 150 -9.87 -12.57 6.98
C ASN A 150 -11.32 -12.74 6.55
N ASP A 151 -11.93 -11.65 6.09
CA ASP A 151 -13.32 -11.69 5.66
C ASP A 151 -13.51 -12.73 4.56
N ASP A 152 -12.72 -12.62 3.50
CA ASP A 152 -12.81 -13.55 2.38
C ASP A 152 -11.43 -13.86 1.82
N SER A 153 -10.71 -12.82 1.41
CA SER A 153 -9.37 -12.97 0.86
C SER A 153 -9.04 -11.76 0.00
N ILE A 154 -8.39 -10.78 0.62
CA ILE A 154 -8.02 -9.57 -0.08
C ILE A 154 -6.75 -9.80 -0.92
N PRO A 155 -6.60 -9.14 -2.05
CA PRO A 155 -5.40 -9.31 -2.90
C PRO A 155 -4.14 -8.78 -2.21
N THR A 156 -3.08 -9.59 -2.22
CA THR A 156 -1.82 -9.20 -1.59
C THR A 156 -0.64 -9.58 -2.46
N SER A 157 0.43 -8.79 -2.37
CA SER A 157 1.63 -9.06 -3.16
C SER A 157 2.85 -8.38 -2.52
N ALA A 158 3.86 -9.17 -2.22
CA ALA A 158 5.08 -8.66 -1.62
C ALA A 158 6.21 -8.67 -2.64
N GLU A 159 6.83 -7.50 -2.85
CA GLU A 159 7.92 -7.39 -3.82
C GLU A 159 8.98 -6.41 -3.34
N PHE A 160 10.21 -6.60 -3.82
CA PHE A 160 11.31 -5.74 -3.44
C PHE A 160 11.86 -4.98 -4.66
N PRO A 161 11.54 -3.72 -4.84
CA PRO A 161 12.04 -2.92 -6.00
C PRO A 161 13.42 -2.33 -5.72
N PRO A 162 14.46 -2.76 -6.43
CA PRO A 162 15.83 -2.23 -6.20
C PRO A 162 16.06 -0.90 -6.93
N GLY A 163 15.28 0.11 -6.55
CA GLY A 163 15.40 1.43 -7.16
C GLY A 163 14.41 2.40 -6.55
N ILE A 164 14.74 2.90 -5.35
CA ILE A 164 13.87 3.84 -4.66
C ILE A 164 14.57 5.19 -4.47
N SER A 165 13.86 6.26 -4.82
CA SER A 165 14.42 7.59 -4.68
C SER A 165 14.52 7.98 -3.21
N PRO A 166 15.22 9.06 -2.90
CA PRO A 166 15.39 9.52 -1.49
C PRO A 166 14.18 10.25 -0.92
N THR A 167 13.58 11.14 -1.70
CA THR A 167 12.42 11.91 -1.22
C THR A 167 11.13 11.48 -1.93
N GLU A 168 11.22 10.52 -2.84
CA GLU A 168 10.04 10.06 -3.56
C GLU A 168 9.02 9.44 -2.60
N ASN A 169 7.79 9.90 -2.70
CA ASN A 169 6.71 9.39 -1.86
C ASN A 169 5.74 8.58 -2.70
N TRP A 170 5.46 7.35 -2.28
CA TRP A 170 4.53 6.50 -2.99
C TRP A 170 3.11 6.73 -2.48
N VAL A 171 2.95 6.58 -1.16
CA VAL A 171 1.66 6.76 -0.51
C VAL A 171 1.03 8.07 -0.92
N GLY A 172 1.85 9.09 -1.09
CA GLY A 172 1.35 10.39 -1.51
C GLY A 172 1.02 10.31 -2.99
N LYS A 173 1.74 9.44 -3.68
CA LYS A 173 1.52 9.26 -5.11
C LYS A 173 0.14 8.68 -5.36
N LEU A 174 -0.37 7.85 -4.44
CA LEU A 174 -1.70 7.27 -4.63
C LEU A 174 -2.76 8.33 -4.34
N GLN A 175 -2.80 8.84 -3.11
CA GLN A 175 -3.79 9.85 -2.77
C GLN A 175 -3.77 10.95 -3.82
N GLU A 176 -2.58 11.40 -4.17
CA GLU A 176 -2.44 12.44 -5.17
C GLU A 176 -3.08 11.99 -6.48
N LYS A 177 -3.01 10.69 -6.74
CA LYS A 177 -3.61 10.14 -7.96
C LYS A 177 -5.12 10.26 -7.92
N SER A 178 -5.71 10.05 -6.73
CA SER A 178 -7.16 10.13 -6.61
C SER A 178 -7.64 11.49 -7.12
N GLN A 179 -7.12 12.56 -6.54
CA GLN A 179 -7.51 13.90 -6.96
C GLN A 179 -7.25 14.04 -8.47
N LYS A 180 -6.16 13.42 -8.91
CA LYS A 180 -5.81 13.46 -10.33
C LYS A 180 -6.85 12.72 -11.16
N SER A 181 -7.45 11.69 -10.56
CA SER A 181 -8.47 10.90 -11.25
C SER A 181 -9.85 11.15 -10.66
N LYS A 182 -9.95 12.16 -9.81
CA LYS A 182 -11.22 12.50 -9.17
C LYS A 182 -11.81 11.31 -8.41
N LEU A 183 -11.03 10.75 -7.48
CA LEU A 183 -11.50 9.61 -6.68
C LEU A 183 -11.54 9.97 -5.20
N GLN A 184 -11.94 9.01 -4.37
CA GLN A 184 -12.03 9.25 -2.93
C GLN A 184 -10.65 9.21 -2.29
N ALA A 185 -10.60 9.47 -0.99
CA ALA A 185 -9.34 9.47 -0.25
C ALA A 185 -9.18 8.19 0.58
N PRO A 186 -8.18 7.38 0.33
CA PRO A 186 -7.97 6.12 1.11
C PRO A 186 -7.30 6.36 2.46
N ILE A 187 -7.39 5.38 3.35
CA ILE A 187 -6.81 5.47 4.68
C ILE A 187 -5.92 4.26 4.93
N TYR A 188 -4.98 4.37 5.88
CA TYR A 188 -4.10 3.25 6.18
C TYR A 188 -3.84 3.07 7.67
N GLU A 189 -3.49 1.85 8.09
CA GLU A 189 -3.22 1.57 9.50
C GLU A 189 -1.97 0.70 9.63
N ASP A 190 -1.14 0.98 10.64
CA ASP A 190 0.10 0.22 10.84
C ASP A 190 -0.03 -0.86 11.91
N SER A 191 0.47 -2.05 11.60
CA SER A 191 0.43 -3.17 12.54
C SER A 191 1.59 -4.13 12.28
N LYS A 192 1.97 -4.90 13.29
CA LYS A 192 3.08 -5.84 13.14
C LYS A 192 2.67 -7.23 13.63
N ASN A 193 2.70 -8.20 12.73
CA ASN A 193 2.33 -9.57 13.08
C ASN A 193 3.54 -10.34 13.60
N GLU A 194 3.41 -10.86 14.83
CA GLU A 194 4.51 -11.61 15.44
C GLU A 194 4.78 -12.90 14.67
N ARG A 195 3.78 -13.37 13.93
CA ARG A 195 3.92 -14.59 13.15
C ARG A 195 5.14 -14.51 12.23
N THR A 196 5.39 -13.33 11.67
CA THR A 196 6.52 -13.13 10.77
C THR A 196 7.46 -12.05 11.33
N GLU A 197 7.05 -11.43 12.43
CA GLU A 197 7.86 -10.40 13.07
C GLU A 197 8.26 -9.31 12.06
N ARG A 198 7.30 -8.48 11.67
CA ARG A 198 7.59 -7.41 10.72
C ARG A 198 6.68 -6.21 10.99
N PHE A 199 6.54 -5.33 10.00
CA PHE A 199 5.68 -4.16 10.13
C PHE A 199 4.91 -4.00 8.82
N LEU A 200 3.59 -3.93 8.91
CA LEU A 200 2.78 -3.83 7.71
C LEU A 200 1.75 -2.72 7.79
N VAL A 201 1.37 -2.23 6.63
CA VAL A 201 0.36 -1.19 6.53
C VAL A 201 -0.82 -1.71 5.72
N ILE A 202 -2.02 -1.32 6.10
CA ILE A 202 -3.22 -1.75 5.39
C ILE A 202 -3.74 -0.61 4.55
N CYS A 203 -4.27 -0.91 3.36
CA CYS A 203 -4.79 0.14 2.48
C CYS A 203 -6.28 -0.04 2.25
N THR A 204 -7.02 1.08 2.25
CA THR A 204 -8.46 1.03 2.04
C THR A 204 -8.89 2.05 0.98
N MET A 205 -9.42 1.54 -0.13
CA MET A 205 -9.88 2.41 -1.21
C MET A 205 -11.40 2.30 -1.38
N CYS A 206 -11.95 3.12 -2.27
CA CYS A 206 -13.40 3.14 -2.54
C CYS A 206 -14.04 1.78 -2.27
N ASN A 207 -13.51 0.74 -2.90
CA ASN A 207 -14.07 -0.60 -2.72
C ASN A 207 -12.99 -1.66 -2.85
N GLN A 208 -11.76 -1.31 -2.48
CA GLN A 208 -10.65 -2.25 -2.57
C GLN A 208 -9.79 -2.18 -1.31
N LYS A 209 -9.02 -3.25 -1.05
CA LYS A 209 -8.15 -3.28 0.12
C LYS A 209 -6.93 -4.17 -0.15
N THR A 210 -5.75 -3.66 0.18
CA THR A 210 -4.51 -4.41 -0.02
C THR A 210 -3.69 -4.44 1.27
N ARG A 211 -2.61 -5.22 1.27
CA ARG A 211 -1.75 -5.34 2.45
C ARG A 211 -0.29 -5.49 2.03
N GLY A 212 0.60 -4.82 2.77
CA GLY A 212 2.03 -4.90 2.46
C GLY A 212 2.85 -5.17 3.71
N ILE A 213 3.47 -6.34 3.77
CA ILE A 213 4.30 -6.72 4.90
C ILE A 213 5.75 -6.35 4.60
N ARG A 214 6.27 -5.33 5.31
CA ARG A 214 7.66 -4.92 5.06
C ARG A 214 8.33 -4.36 6.31
N SER A 215 9.55 -3.86 6.12
CA SER A 215 10.34 -3.28 7.21
C SER A 215 9.64 -2.08 7.84
N LYS A 216 10.45 -1.08 8.20
CA LYS A 216 9.97 0.13 8.86
C LYS A 216 8.60 0.58 8.32
N LYS A 217 8.02 1.56 9.01
CA LYS A 217 6.72 2.09 8.64
C LYS A 217 6.72 2.55 7.19
N LYS A 218 7.65 3.44 6.84
CA LYS A 218 7.72 3.96 5.47
C LYS A 218 7.74 2.81 4.45
N ASP A 219 8.47 1.75 4.77
CA ASP A 219 8.55 0.60 3.87
C ASP A 219 7.23 -0.14 3.84
N ALA A 220 6.58 -0.22 5.00
CA ALA A 220 5.29 -0.89 5.09
C ALA A 220 4.22 -0.11 4.33
N LYS A 221 4.26 1.21 4.48
CA LYS A 221 3.30 2.10 3.83
C LYS A 221 3.50 2.11 2.32
N ASN A 222 4.75 1.97 1.90
CA ASN A 222 5.09 1.98 0.48
C ASN A 222 4.44 0.81 -0.25
N LEU A 223 4.70 -0.40 0.25
CA LEU A 223 4.16 -1.60 -0.37
C LEU A 223 2.64 -1.61 -0.38
N ALA A 224 2.01 -1.07 0.68
CA ALA A 224 0.55 -1.05 0.75
C ALA A 224 -0.07 -0.12 -0.29
N ALA A 225 0.42 1.10 -0.36
CA ALA A 225 -0.09 2.07 -1.34
C ALA A 225 0.35 1.65 -2.73
N TRP A 226 1.63 1.34 -2.86
CA TRP A 226 2.16 0.88 -4.13
C TRP A 226 1.35 -0.32 -4.64
N LEU A 227 0.88 -1.15 -3.70
CA LEU A 227 0.09 -2.33 -4.06
C LEU A 227 -1.17 -1.92 -4.83
N MET A 228 -2.06 -1.19 -4.14
CA MET A 228 -3.31 -0.77 -4.76
C MET A 228 -3.06 -0.03 -6.08
N TRP A 229 -1.97 0.73 -6.14
CA TRP A 229 -1.63 1.46 -7.37
C TRP A 229 -1.62 0.49 -8.54
N LYS A 230 -1.06 -0.68 -8.29
CA LYS A 230 -0.97 -1.71 -9.32
C LYS A 230 -2.35 -2.29 -9.64
N ALA A 231 -3.19 -2.35 -8.62
CA ALA A 231 -4.54 -2.89 -8.79
C ALA A 231 -5.50 -1.80 -9.26
N LEU A 232 -5.09 -0.55 -9.14
CA LEU A 232 -5.92 0.58 -9.56
C LEU A 232 -5.93 0.71 -11.08
N GLU A 233 -4.73 0.65 -11.67
CA GLU A 233 -4.61 0.78 -13.12
C GLU A 233 -5.43 -0.27 -13.84
N ASP A 234 -5.46 -1.48 -13.29
CA ASP A 234 -6.22 -2.57 -13.91
C ASP A 234 -5.85 -2.73 -15.37
N GLY A 235 -4.60 -2.39 -15.71
CA GLY A 235 -4.13 -2.51 -17.08
C GLY A 235 -4.94 -1.61 -18.02
N ASN A 150 -8.38 -11.76 8.03
CA ASN A 150 -8.93 -10.56 8.65
C ASN A 150 -10.37 -10.34 8.20
N ASP A 151 -10.61 -10.53 6.91
CA ASP A 151 -11.95 -10.36 6.34
C ASP A 151 -12.39 -11.64 5.64
N ASP A 152 -11.86 -11.86 4.44
CA ASP A 152 -12.21 -13.05 3.67
C ASP A 152 -10.97 -13.61 2.97
N SER A 153 -10.13 -12.72 2.44
CA SER A 153 -8.92 -13.12 1.76
C SER A 153 -8.47 -12.03 0.81
N ILE A 154 -7.60 -11.16 1.30
CA ILE A 154 -7.09 -10.06 0.48
C ILE A 154 -5.78 -10.47 -0.21
N PRO A 155 -5.46 -9.86 -1.33
CA PRO A 155 -4.22 -10.19 -2.07
C PRO A 155 -2.96 -9.70 -1.34
N THR A 156 -1.88 -10.45 -1.46
CA THR A 156 -0.63 -10.09 -0.80
C THR A 156 0.54 -10.17 -1.79
N SER A 157 1.43 -9.18 -1.72
CA SER A 157 2.59 -9.15 -2.61
C SER A 157 3.75 -8.41 -1.95
N ALA A 158 4.85 -9.12 -1.73
CA ALA A 158 6.03 -8.53 -1.10
C ALA A 158 7.18 -8.44 -2.10
N GLU A 159 7.75 -7.24 -2.23
CA GLU A 159 8.86 -7.03 -3.16
C GLU A 159 9.60 -5.74 -2.85
N PHE A 160 10.77 -5.56 -3.46
CA PHE A 160 11.57 -4.35 -3.24
C PHE A 160 11.62 -3.52 -4.52
N PRO A 161 11.96 -2.25 -4.40
CA PRO A 161 12.05 -1.33 -5.57
C PRO A 161 13.26 -1.63 -6.47
N PRO A 162 13.20 -1.27 -7.73
CA PRO A 162 14.32 -1.50 -8.68
C PRO A 162 15.46 -0.51 -8.49
N GLY A 163 15.49 0.15 -7.34
CA GLY A 163 16.54 1.13 -7.06
C GLY A 163 16.08 2.54 -7.43
N ILE A 164 15.11 3.04 -6.69
CA ILE A 164 14.57 4.38 -6.93
C ILE A 164 14.96 5.33 -5.80
N SER A 165 14.98 6.64 -6.12
CA SER A 165 15.34 7.66 -5.13
C SER A 165 14.89 7.26 -3.72
N PRO A 166 15.80 6.95 -2.80
CA PRO A 166 15.43 6.56 -1.42
C PRO A 166 14.38 7.45 -0.76
N THR A 167 13.98 8.52 -1.45
CA THR A 167 12.97 9.43 -0.92
C THR A 167 11.66 9.29 -1.70
N GLU A 168 11.58 8.24 -2.52
CA GLU A 168 10.39 8.01 -3.32
C GLU A 168 9.14 7.87 -2.46
N ASN A 169 8.16 8.73 -2.71
CA ASN A 169 6.91 8.70 -1.97
C ASN A 169 5.82 8.06 -2.82
N TRP A 170 5.39 6.86 -2.43
CA TRP A 170 4.33 6.15 -3.15
C TRP A 170 2.97 6.50 -2.60
N VAL A 171 2.88 6.50 -1.27
CA VAL A 171 1.62 6.78 -0.57
C VAL A 171 1.07 8.14 -0.98
N GLY A 172 1.95 9.10 -1.19
CA GLY A 172 1.52 10.42 -1.62
C GLY A 172 1.19 10.35 -3.10
N LYS A 173 1.85 9.44 -3.80
CA LYS A 173 1.64 9.28 -5.22
C LYS A 173 0.25 8.71 -5.50
N LEU A 174 -0.26 7.86 -4.61
CA LEU A 174 -1.59 7.30 -4.82
C LEU A 174 -2.66 8.33 -4.50
N GLN A 175 -2.70 8.79 -3.24
CA GLN A 175 -3.71 9.78 -2.85
C GLN A 175 -3.70 10.95 -3.82
N GLU A 176 -2.51 11.47 -4.10
CA GLU A 176 -2.39 12.59 -5.02
C GLU A 176 -2.92 12.19 -6.39
N LYS A 177 -2.74 10.92 -6.75
CA LYS A 177 -3.21 10.44 -8.05
C LYS A 177 -4.73 10.31 -8.05
N SER A 178 -5.30 9.93 -6.90
CA SER A 178 -6.75 9.79 -6.81
C SER A 178 -7.43 11.08 -7.21
N GLN A 179 -7.10 12.17 -6.52
CA GLN A 179 -7.67 13.47 -6.83
C GLN A 179 -7.39 13.80 -8.28
N LYS A 180 -6.16 13.53 -8.71
CA LYS A 180 -5.76 13.79 -10.08
C LYS A 180 -6.74 13.11 -11.02
N SER A 181 -7.35 12.02 -10.54
CA SER A 181 -8.33 11.29 -11.33
C SER A 181 -9.72 11.47 -10.74
N LYS A 182 -9.81 12.22 -9.65
CA LYS A 182 -11.09 12.48 -8.99
C LYS A 182 -11.58 11.26 -8.21
N LEU A 183 -10.78 10.82 -7.24
CA LEU A 183 -11.15 9.66 -6.42
C LEU A 183 -10.95 9.98 -4.94
N GLN A 184 -11.23 9.01 -4.08
CA GLN A 184 -11.09 9.19 -2.65
C GLN A 184 -9.66 8.83 -2.20
N ALA A 185 -9.39 9.03 -0.91
CA ALA A 185 -8.06 8.73 -0.37
C ALA A 185 -8.11 7.46 0.50
N PRO A 186 -7.09 6.62 0.44
CA PRO A 186 -7.04 5.37 1.26
C PRO A 186 -6.65 5.63 2.73
N ILE A 187 -6.95 4.66 3.59
CA ILE A 187 -6.63 4.78 5.02
C ILE A 187 -5.48 3.83 5.37
N TYR A 188 -4.50 4.32 6.12
CA TYR A 188 -3.35 3.50 6.49
C TYR A 188 -3.39 3.10 7.97
N GLU A 189 -3.24 1.79 8.25
CA GLU A 189 -3.22 1.32 9.64
C GLU A 189 -1.94 0.51 9.83
N ASP A 190 -1.14 0.86 10.85
CA ASP A 190 0.12 0.15 11.07
C ASP A 190 -0.01 -0.99 12.08
N SER A 191 0.55 -2.14 11.70
CA SER A 191 0.53 -3.32 12.55
C SER A 191 1.75 -4.19 12.25
N LYS A 192 2.25 -4.89 13.26
CA LYS A 192 3.42 -5.75 13.07
C LYS A 192 3.14 -7.13 13.63
N ASN A 193 3.27 -8.15 12.79
CA ASN A 193 3.03 -9.53 13.21
C ASN A 193 4.31 -10.16 13.71
N GLU A 194 4.28 -10.65 14.95
CA GLU A 194 5.45 -11.29 15.55
C GLU A 194 5.85 -12.53 14.76
N ARG A 195 4.86 -13.17 14.13
CA ARG A 195 5.11 -14.36 13.35
C ARG A 195 6.01 -14.04 12.16
N THR A 196 5.87 -12.83 11.62
CA THR A 196 6.68 -12.41 10.48
C THR A 196 7.72 -11.39 10.93
N GLU A 197 7.69 -11.02 12.20
CA GLU A 197 8.63 -10.05 12.73
C GLU A 197 8.86 -8.91 11.74
N ARG A 198 7.76 -8.32 11.26
CA ARG A 198 7.84 -7.22 10.30
C ARG A 198 6.82 -6.16 10.64
N PHE A 199 6.65 -5.19 9.75
CA PHE A 199 5.67 -4.13 9.95
C PHE A 199 4.88 -3.98 8.67
N LEU A 200 3.56 -3.93 8.78
CA LEU A 200 2.73 -3.83 7.59
C LEU A 200 1.68 -2.75 7.72
N VAL A 201 1.24 -2.25 6.57
CA VAL A 201 0.23 -1.22 6.51
C VAL A 201 -0.97 -1.70 5.69
N ILE A 202 -2.16 -1.26 6.07
CA ILE A 202 -3.38 -1.66 5.36
C ILE A 202 -3.99 -0.46 4.67
N CYS A 203 -4.25 -0.60 3.36
CA CYS A 203 -4.85 0.48 2.58
C CYS A 203 -6.30 0.17 2.26
N THR A 204 -7.21 0.96 2.81
CA THR A 204 -8.63 0.75 2.57
C THR A 204 -9.19 1.82 1.63
N MET A 205 -9.64 1.39 0.45
CA MET A 205 -10.20 2.31 -0.53
C MET A 205 -11.71 2.14 -0.62
N CYS A 206 -12.35 3.04 -1.35
CA CYS A 206 -13.81 2.99 -1.52
C CYS A 206 -14.31 1.55 -1.57
N ASN A 207 -13.74 0.76 -2.48
CA ASN A 207 -14.15 -0.63 -2.62
C ASN A 207 -12.94 -1.54 -2.88
N GLN A 208 -11.81 -1.22 -2.25
CA GLN A 208 -10.61 -2.03 -2.43
C GLN A 208 -9.82 -2.11 -1.13
N LYS A 209 -9.06 -3.18 -0.96
CA LYS A 209 -8.26 -3.34 0.25
C LYS A 209 -7.01 -4.18 -0.02
N THR A 210 -5.85 -3.69 0.42
CA THR A 210 -4.60 -4.40 0.19
C THR A 210 -3.75 -4.43 1.46
N ARG A 211 -2.66 -5.19 1.43
CA ARG A 211 -1.77 -5.29 2.58
C ARG A 211 -0.33 -5.42 2.11
N GLY A 212 0.58 -4.74 2.81
CA GLY A 212 1.99 -4.79 2.46
C GLY A 212 2.87 -5.09 3.66
N ILE A 213 3.48 -6.27 3.65
CA ILE A 213 4.37 -6.67 4.74
C ILE A 213 5.79 -6.22 4.42
N ARG A 214 6.25 -5.17 5.09
CA ARG A 214 7.60 -4.67 4.83
C ARG A 214 8.30 -4.21 6.10
N SER A 215 9.52 -3.70 5.93
CA SER A 215 10.34 -3.20 7.03
C SER A 215 9.67 -2.02 7.73
N LYS A 216 10.47 -1.05 8.13
CA LYS A 216 10.00 0.14 8.83
C LYS A 216 8.63 0.61 8.34
N LYS A 217 8.04 1.55 9.08
CA LYS A 217 6.73 2.09 8.72
C LYS A 217 6.70 2.59 7.28
N LYS A 218 7.60 3.50 6.94
CA LYS A 218 7.64 4.05 5.59
C LYS A 218 7.68 2.92 4.56
N ASP A 219 8.42 1.86 4.88
CA ASP A 219 8.52 0.73 3.98
C ASP A 219 7.21 -0.04 3.93
N ALA A 220 6.54 -0.11 5.08
CA ALA A 220 5.26 -0.80 5.16
C ALA A 220 4.17 -0.02 4.40
N LYS A 221 4.22 1.30 4.54
CA LYS A 221 3.24 2.18 3.88
C LYS A 221 3.44 2.18 2.38
N ASN A 222 4.69 2.07 1.97
CA ASN A 222 5.04 2.08 0.56
C ASN A 222 4.44 0.89 -0.17
N LEU A 223 4.62 -0.30 0.39
CA LEU A 223 4.11 -1.51 -0.25
C LEU A 223 2.58 -1.56 -0.27
N ALA A 224 1.93 -0.95 0.73
CA ALA A 224 0.46 -0.96 0.79
C ALA A 224 -0.15 -0.08 -0.31
N ALA A 225 0.33 1.15 -0.41
CA ALA A 225 -0.16 2.09 -1.42
C ALA A 225 0.26 1.63 -2.80
N TRP A 226 1.54 1.28 -2.93
CA TRP A 226 2.07 0.80 -4.19
C TRP A 226 1.25 -0.41 -4.67
N LEU A 227 0.75 -1.19 -3.71
CA LEU A 227 -0.04 -2.38 -4.02
C LEU A 227 -1.32 -1.99 -4.78
N MET A 228 -2.07 -1.05 -4.23
CA MET A 228 -3.32 -0.62 -4.86
C MET A 228 -3.04 0.04 -6.20
N TRP A 229 -1.90 0.70 -6.31
CA TRP A 229 -1.53 1.36 -7.57
C TRP A 229 -1.59 0.36 -8.70
N LYS A 230 -1.03 -0.81 -8.45
CA LYS A 230 -1.03 -1.88 -9.44
C LYS A 230 -2.44 -2.39 -9.67
N ALA A 231 -3.22 -2.45 -8.60
CA ALA A 231 -4.60 -2.91 -8.69
C ALA A 231 -5.52 -1.82 -9.22
N LEU A 232 -5.02 -0.58 -9.23
CA LEU A 232 -5.81 0.54 -9.73
C LEU A 232 -5.88 0.50 -11.25
N GLU A 233 -4.75 0.20 -11.88
CA GLU A 233 -4.69 0.14 -13.33
C GLU A 233 -5.76 -0.80 -13.87
N ASP A 234 -6.00 -1.90 -13.14
CA ASP A 234 -7.00 -2.87 -13.55
C ASP A 234 -8.32 -2.61 -12.81
N GLY A 235 -8.27 -1.74 -11.81
CA GLY A 235 -9.47 -1.42 -11.03
C GLY A 235 -10.53 -0.76 -11.90
N ASN A 150 -13.38 -9.32 4.27
CA ASN A 150 -11.98 -9.26 4.71
C ASN A 150 -11.59 -10.58 5.37
N ASP A 151 -12.56 -11.23 5.99
CA ASP A 151 -12.32 -12.50 6.67
C ASP A 151 -12.42 -13.66 5.69
N ASP A 152 -12.07 -13.40 4.43
CA ASP A 152 -12.12 -14.43 3.40
C ASP A 152 -10.74 -14.64 2.77
N SER A 153 -10.15 -13.54 2.31
CA SER A 153 -8.82 -13.59 1.70
C SER A 153 -8.62 -12.37 0.80
N ILE A 154 -8.05 -11.33 1.38
CA ILE A 154 -7.79 -10.09 0.64
C ILE A 154 -6.57 -10.26 -0.27
N PRO A 155 -6.50 -9.53 -1.36
CA PRO A 155 -5.35 -9.62 -2.30
C PRO A 155 -4.09 -8.97 -1.71
N THR A 156 -2.96 -9.67 -1.82
CA THR A 156 -1.70 -9.15 -1.28
C THR A 156 -0.53 -9.53 -2.19
N SER A 157 0.52 -8.72 -2.14
CA SER A 157 1.71 -8.98 -2.95
C SER A 157 2.95 -8.38 -2.27
N ALA A 158 3.91 -9.24 -1.96
CA ALA A 158 5.14 -8.80 -1.31
C ALA A 158 6.30 -8.83 -2.29
N GLU A 159 6.98 -7.71 -2.43
CA GLU A 159 8.13 -7.65 -3.35
C GLU A 159 9.00 -6.43 -3.06
N PHE A 160 10.18 -6.42 -3.65
CA PHE A 160 11.12 -5.32 -3.47
C PHE A 160 11.52 -4.74 -4.84
N PRO A 161 10.95 -3.64 -5.26
CA PRO A 161 11.29 -3.03 -6.58
C PRO A 161 12.56 -2.17 -6.50
N PRO A 162 13.57 -2.44 -7.32
CA PRO A 162 14.83 -1.63 -7.30
C PRO A 162 14.66 -0.29 -8.01
N GLY A 163 15.71 0.52 -7.97
CA GLY A 163 15.67 1.83 -8.62
C GLY A 163 14.71 2.77 -7.90
N ILE A 164 15.03 3.08 -6.65
CA ILE A 164 14.19 3.97 -5.85
C ILE A 164 14.99 5.18 -5.37
N SER A 165 14.29 6.29 -5.14
CA SER A 165 14.95 7.51 -4.68
C SER A 165 14.94 7.56 -3.15
N PRO A 166 15.77 8.39 -2.57
CA PRO A 166 15.86 8.53 -1.09
C PRO A 166 14.61 9.17 -0.49
N THR A 167 13.99 10.07 -1.25
CA THR A 167 12.78 10.74 -0.79
C THR A 167 11.57 10.28 -1.59
N GLU A 168 11.71 9.15 -2.28
CA GLU A 168 10.63 8.62 -3.10
C GLU A 168 9.36 8.43 -2.28
N ASN A 169 8.35 9.24 -2.59
CA ASN A 169 7.07 9.16 -1.89
C ASN A 169 6.01 8.52 -2.79
N TRP A 170 5.65 7.28 -2.47
CA TRP A 170 4.63 6.57 -3.25
C TRP A 170 3.25 6.83 -2.65
N VAL A 171 3.14 6.54 -1.35
CA VAL A 171 1.88 6.72 -0.64
C VAL A 171 1.28 8.09 -0.92
N GLY A 172 2.13 9.10 -1.01
CA GLY A 172 1.67 10.44 -1.31
C GLY A 172 1.31 10.52 -2.78
N LYS A 173 1.97 9.68 -3.57
CA LYS A 173 1.72 9.64 -5.00
C LYS A 173 0.35 9.03 -5.29
N LEU A 174 -0.14 8.11 -4.44
CA LEU A 174 -1.44 7.52 -4.69
C LEU A 174 -2.56 8.49 -4.33
N GLN A 175 -2.63 8.87 -3.05
CA GLN A 175 -3.67 9.79 -2.60
C GLN A 175 -3.71 11.00 -3.52
N GLU A 176 -2.54 11.50 -3.89
CA GLU A 176 -2.46 12.64 -4.79
C GLU A 176 -3.01 12.26 -6.16
N LYS A 177 -2.82 11.01 -6.54
CA LYS A 177 -3.30 10.54 -7.83
C LYS A 177 -4.82 10.43 -7.84
N SER A 178 -5.40 10.01 -6.71
CA SER A 178 -6.86 9.89 -6.63
C SER A 178 -7.51 11.24 -6.95
N GLN A 179 -7.15 12.26 -6.18
CA GLN A 179 -7.70 13.59 -6.42
C GLN A 179 -7.44 13.99 -7.87
N LYS A 180 -6.21 13.75 -8.29
CA LYS A 180 -5.81 14.05 -9.66
C LYS A 180 -6.80 13.40 -10.63
N SER A 181 -7.38 12.29 -10.19
CA SER A 181 -8.36 11.57 -10.99
C SER A 181 -9.75 11.72 -10.38
N LYS A 182 -9.86 12.55 -9.36
CA LYS A 182 -11.13 12.79 -8.68
C LYS A 182 -11.67 11.50 -8.03
N LEU A 183 -10.85 10.87 -7.19
CA LEU A 183 -11.25 9.65 -6.50
C LEU A 183 -11.11 9.82 -4.99
N GLN A 184 -11.67 8.88 -4.23
CA GLN A 184 -11.60 8.95 -2.77
C GLN A 184 -10.18 8.67 -2.28
N ALA A 185 -9.86 9.15 -1.08
CA ALA A 185 -8.54 8.95 -0.51
C ALA A 185 -8.52 7.67 0.36
N PRO A 186 -7.52 6.82 0.25
CA PRO A 186 -7.43 5.57 1.05
C PRO A 186 -6.93 5.81 2.48
N ILE A 187 -7.16 4.82 3.34
CA ILE A 187 -6.73 4.92 4.75
C ILE A 187 -5.60 3.93 5.01
N TYR A 188 -4.71 4.29 5.95
CA TYR A 188 -3.57 3.42 6.28
C TYR A 188 -3.54 3.07 7.77
N GLU A 189 -3.39 1.77 8.09
CA GLU A 189 -3.33 1.34 9.49
C GLU A 189 -2.02 0.58 9.72
N ASP A 190 -1.23 0.99 10.71
CA ASP A 190 0.06 0.34 10.94
C ASP A 190 0.00 -0.73 12.05
N SER A 191 0.60 -1.88 11.74
CA SER A 191 0.66 -3.00 12.68
C SER A 191 1.88 -3.85 12.39
N LYS A 192 2.39 -4.56 13.40
CA LYS A 192 3.56 -5.41 13.22
C LYS A 192 3.28 -6.82 13.73
N ASN A 193 3.42 -7.81 12.85
CA ASN A 193 3.19 -9.19 13.23
C ASN A 193 4.48 -9.83 13.74
N GLU A 194 4.44 -10.34 14.96
CA GLU A 194 5.62 -10.97 15.55
C GLU A 194 5.97 -12.26 14.81
N ARG A 195 5.01 -12.79 14.07
CA ARG A 195 5.23 -14.01 13.31
C ARG A 195 6.47 -13.89 12.44
N THR A 196 6.64 -12.71 11.83
CA THR A 196 7.79 -12.46 10.97
C THR A 196 8.57 -11.25 11.47
N GLU A 197 8.07 -10.63 12.53
CA GLU A 197 8.72 -9.46 13.10
C GLU A 197 8.96 -8.39 12.03
N ARG A 198 7.89 -7.74 11.60
CA ARG A 198 8.00 -6.69 10.58
C ARG A 198 6.97 -5.61 10.84
N PHE A 199 6.75 -4.75 9.84
CA PHE A 199 5.76 -3.69 9.95
C PHE A 199 4.93 -3.68 8.67
N LEU A 200 3.61 -3.70 8.82
CA LEU A 200 2.73 -3.74 7.67
C LEU A 200 1.67 -2.67 7.73
N VAL A 201 1.19 -2.27 6.56
CA VAL A 201 0.17 -1.25 6.46
C VAL A 201 -1.01 -1.78 5.64
N ILE A 202 -2.22 -1.39 6.02
CA ILE A 202 -3.43 -1.82 5.32
C ILE A 202 -4.00 -0.63 4.54
N CYS A 203 -4.22 -0.82 3.23
CA CYS A 203 -4.75 0.26 2.41
C CYS A 203 -6.17 -0.06 1.97
N THR A 204 -7.13 0.72 2.45
CA THR A 204 -8.53 0.53 2.10
C THR A 204 -8.98 1.59 1.11
N MET A 205 -9.81 1.19 0.15
CA MET A 205 -10.31 2.11 -0.86
C MET A 205 -11.82 1.92 -1.07
N CYS A 206 -12.42 2.79 -1.87
CA CYS A 206 -13.85 2.73 -2.16
C CYS A 206 -14.36 1.29 -2.18
N ASN A 207 -13.74 0.45 -3.01
CA ASN A 207 -14.15 -0.94 -3.11
C ASN A 207 -12.94 -1.86 -3.28
N GLN A 208 -11.83 -1.49 -2.65
CA GLN A 208 -10.62 -2.29 -2.75
C GLN A 208 -9.86 -2.26 -1.41
N LYS A 209 -9.09 -3.32 -1.15
CA LYS A 209 -8.32 -3.40 0.08
C LYS A 209 -7.06 -4.23 -0.14
N THR A 210 -5.91 -3.72 0.27
CA THR A 210 -4.64 -4.43 0.08
C THR A 210 -3.85 -4.52 1.38
N ARG A 211 -2.79 -5.33 1.34
CA ARG A 211 -1.94 -5.51 2.52
C ARG A 211 -0.48 -5.62 2.09
N GLY A 212 0.40 -4.92 2.80
CA GLY A 212 1.82 -4.95 2.46
C GLY A 212 2.69 -5.24 3.68
N ILE A 213 3.37 -6.39 3.67
CA ILE A 213 4.24 -6.78 4.77
C ILE A 213 5.67 -6.33 4.46
N ARG A 214 6.18 -5.35 5.21
CA ARG A 214 7.54 -4.88 4.94
C ARG A 214 8.25 -4.33 6.18
N SER A 215 9.46 -3.83 5.95
CA SER A 215 10.30 -3.27 7.01
C SER A 215 9.64 -2.07 7.68
N LYS A 216 10.48 -1.08 8.03
CA LYS A 216 10.03 0.13 8.71
C LYS A 216 8.66 0.60 8.21
N LYS A 217 8.08 1.56 8.94
CA LYS A 217 6.77 2.09 8.58
C LYS A 217 6.75 2.58 7.14
N LYS A 218 7.69 3.43 6.78
CA LYS A 218 7.75 3.97 5.42
C LYS A 218 7.68 2.85 4.40
N ASP A 219 8.40 1.75 4.67
CA ASP A 219 8.41 0.61 3.77
C ASP A 219 7.07 -0.09 3.80
N ALA A 220 6.48 -0.17 4.98
CA ALA A 220 5.18 -0.82 5.13
C ALA A 220 4.12 -0.04 4.36
N LYS A 221 4.18 1.28 4.48
CA LYS A 221 3.23 2.16 3.80
C LYS A 221 3.43 2.12 2.29
N ASN A 222 4.67 1.96 1.88
CA ASN A 222 5.01 1.93 0.46
C ASN A 222 4.33 0.76 -0.25
N LEU A 223 4.52 -0.44 0.28
CA LEU A 223 3.94 -1.63 -0.32
C LEU A 223 2.40 -1.58 -0.33
N ALA A 224 1.81 -0.97 0.71
CA ALA A 224 0.35 -0.89 0.80
C ALA A 224 -0.23 0.00 -0.32
N ALA A 225 0.30 1.21 -0.44
CA ALA A 225 -0.17 2.13 -1.47
C ALA A 225 0.29 1.65 -2.84
N TRP A 226 1.55 1.27 -2.92
CA TRP A 226 2.10 0.74 -4.16
C TRP A 226 1.23 -0.43 -4.65
N LEU A 227 0.72 -1.21 -3.69
CA LEU A 227 -0.14 -2.35 -4.03
C LEU A 227 -1.38 -1.89 -4.78
N MET A 228 -2.14 -0.99 -4.16
CA MET A 228 -3.35 -0.47 -4.77
C MET A 228 -3.05 0.20 -6.11
N TRP A 229 -1.86 0.78 -6.24
CA TRP A 229 -1.49 1.44 -7.49
C TRP A 229 -1.61 0.44 -8.64
N LYS A 230 -1.10 -0.76 -8.42
CA LYS A 230 -1.16 -1.81 -9.44
C LYS A 230 -2.61 -2.20 -9.71
N ALA A 231 -3.43 -2.18 -8.67
CA ALA A 231 -4.84 -2.52 -8.80
C ALA A 231 -5.65 -1.30 -9.21
N LEU A 232 -5.03 -0.14 -9.14
CA LEU A 232 -5.70 1.11 -9.50
C LEU A 232 -5.83 1.23 -11.01
N GLU A 233 -4.81 0.74 -11.73
CA GLU A 233 -4.83 0.80 -13.18
C GLU A 233 -6.16 0.30 -13.73
N ASP A 234 -6.71 -0.74 -13.11
CA ASP A 234 -7.97 -1.29 -13.56
C ASP A 234 -9.12 -0.72 -12.73
N GLY A 235 -8.79 0.19 -11.83
CA GLY A 235 -9.80 0.81 -10.97
C GLY A 235 -10.81 1.60 -11.80
N ASN A 150 -7.86 -12.88 7.22
CA ASN A 150 -8.50 -11.93 8.12
C ASN A 150 -9.99 -11.80 7.79
N ASP A 151 -10.30 -11.79 6.51
CA ASP A 151 -11.69 -11.68 6.06
C ASP A 151 -12.00 -12.74 5.02
N ASP A 152 -11.39 -12.62 3.84
CA ASP A 152 -11.61 -13.57 2.77
C ASP A 152 -10.30 -13.87 2.06
N SER A 153 -9.61 -12.82 1.64
CA SER A 153 -8.33 -12.96 0.96
C SER A 153 -8.06 -11.72 0.12
N ILE A 154 -7.35 -10.76 0.70
CA ILE A 154 -7.01 -9.53 0.01
C ILE A 154 -5.70 -9.70 -0.76
N PRO A 155 -5.48 -8.93 -1.80
CA PRO A 155 -4.23 -9.01 -2.60
C PRO A 155 -3.00 -9.16 -1.72
N THR A 156 -2.06 -10.00 -2.15
CA THR A 156 -0.84 -10.21 -1.39
C THR A 156 0.37 -10.26 -2.31
N SER A 157 1.25 -9.26 -2.18
CA SER A 157 2.44 -9.20 -3.02
C SER A 157 3.60 -8.57 -2.25
N ALA A 158 4.60 -9.38 -1.94
CA ALA A 158 5.76 -8.90 -1.20
C ALA A 158 6.99 -8.85 -2.11
N GLU A 159 7.62 -7.68 -2.17
CA GLU A 159 8.81 -7.50 -3.01
C GLU A 159 9.45 -6.14 -2.77
N PHE A 160 10.60 -5.93 -3.40
CA PHE A 160 11.31 -4.65 -3.25
C PHE A 160 11.56 -4.03 -4.63
N PRO A 161 11.83 -2.75 -4.69
CA PRO A 161 12.08 -2.05 -5.98
C PRO A 161 13.47 -2.36 -6.53
N PRO A 162 13.67 -2.15 -7.81
CA PRO A 162 14.99 -2.41 -8.46
C PRO A 162 16.04 -1.38 -8.08
N GLY A 163 15.78 -0.12 -8.43
CA GLY A 163 16.71 0.96 -8.12
C GLY A 163 16.02 2.32 -8.24
N ILE A 164 14.69 2.31 -8.13
CA ILE A 164 13.91 3.54 -8.24
C ILE A 164 14.30 4.53 -7.15
N SER A 165 14.06 5.80 -7.41
CA SER A 165 14.38 6.86 -6.45
C SER A 165 14.03 6.40 -5.02
N PRO A 166 14.99 6.21 -4.14
CA PRO A 166 14.71 5.77 -2.75
C PRO A 166 14.21 6.92 -1.87
N THR A 167 14.16 8.12 -2.44
CA THR A 167 13.70 9.29 -1.71
C THR A 167 12.32 9.74 -2.22
N GLU A 168 11.67 8.87 -2.98
CA GLU A 168 10.36 9.18 -3.54
C GLU A 168 9.25 8.74 -2.59
N ASN A 169 8.11 9.41 -2.70
CA ASN A 169 6.96 9.07 -1.85
C ASN A 169 5.89 8.36 -2.68
N TRP A 170 5.54 7.15 -2.25
CA TRP A 170 4.51 6.38 -2.94
C TRP A 170 3.13 6.70 -2.37
N VAL A 171 3.05 6.63 -1.05
CA VAL A 171 1.79 6.90 -0.34
C VAL A 171 1.17 8.20 -0.80
N GLY A 172 2.02 9.19 -1.07
CA GLY A 172 1.53 10.46 -1.55
C GLY A 172 1.19 10.32 -3.02
N LYS A 173 1.89 9.41 -3.68
CA LYS A 173 1.67 9.17 -5.10
C LYS A 173 0.29 8.57 -5.33
N LEU A 174 -0.20 7.74 -4.40
CA LEU A 174 -1.52 7.15 -4.57
C LEU A 174 -2.60 8.19 -4.30
N GLN A 175 -2.63 8.73 -3.08
CA GLN A 175 -3.64 9.72 -2.73
C GLN A 175 -3.69 10.81 -3.80
N GLU A 176 -2.52 11.31 -4.19
CA GLU A 176 -2.43 12.33 -5.21
C GLU A 176 -3.05 11.82 -6.50
N LYS A 177 -2.91 10.53 -6.75
CA LYS A 177 -3.46 9.92 -7.96
C LYS A 177 -4.98 9.87 -7.89
N SER A 178 -5.53 9.59 -6.72
CA SER A 178 -6.98 9.52 -6.58
C SER A 178 -7.61 10.81 -7.07
N GLN A 179 -7.20 11.93 -6.50
CA GLN A 179 -7.75 13.23 -6.92
C GLN A 179 -7.56 13.37 -8.43
N LYS A 180 -6.46 12.82 -8.92
CA LYS A 180 -6.16 12.87 -10.34
C LYS A 180 -7.22 12.09 -11.12
N SER A 181 -7.78 11.07 -10.47
CA SER A 181 -8.81 10.25 -11.11
C SER A 181 -10.17 10.48 -10.46
N LYS A 182 -10.21 11.40 -9.49
CA LYS A 182 -11.45 11.73 -8.79
C LYS A 182 -11.94 10.55 -7.93
N LEU A 183 -11.09 10.11 -7.00
CA LEU A 183 -11.44 9.01 -6.11
C LEU A 183 -11.37 9.44 -4.64
N GLN A 184 -11.78 8.56 -3.74
CA GLN A 184 -11.78 8.86 -2.31
C GLN A 184 -10.38 8.74 -1.73
N ALA A 185 -10.16 9.36 -0.57
CA ALA A 185 -8.86 9.32 0.09
C ALA A 185 -8.67 7.99 0.84
N PRO A 186 -7.53 7.32 0.69
CA PRO A 186 -7.27 6.02 1.37
C PRO A 186 -6.88 6.17 2.85
N ILE A 187 -7.11 5.12 3.62
CA ILE A 187 -6.76 5.11 5.05
C ILE A 187 -5.65 4.09 5.30
N TYR A 188 -4.67 4.47 6.15
CA TYR A 188 -3.56 3.56 6.43
C TYR A 188 -3.50 3.16 7.91
N GLU A 189 -3.38 1.87 8.19
CA GLU A 189 -3.28 1.38 9.57
C GLU A 189 -2.01 0.57 9.71
N ASP A 190 -1.18 0.89 10.71
CA ASP A 190 0.09 0.18 10.88
C ASP A 190 0.02 -0.91 11.96
N SER A 191 0.57 -2.07 11.60
CA SER A 191 0.60 -3.22 12.50
C SER A 191 1.82 -4.08 12.19
N LYS A 192 2.28 -4.86 13.17
CA LYS A 192 3.45 -5.72 12.96
C LYS A 192 3.14 -7.15 13.37
N ASN A 193 3.25 -8.08 12.42
CA ASN A 193 2.99 -9.49 12.71
C ASN A 193 4.24 -10.13 13.28
N GLU A 194 4.21 -10.39 14.59
CA GLU A 194 5.35 -11.01 15.26
C GLU A 194 5.79 -12.28 14.55
N ARG A 195 4.84 -12.97 13.94
CA ARG A 195 5.15 -14.21 13.24
C ARG A 195 6.24 -13.99 12.20
N THR A 196 6.11 -12.92 11.42
CA THR A 196 7.09 -12.61 10.39
C THR A 196 8.05 -11.53 10.88
N GLU A 197 7.74 -10.96 12.05
CA GLU A 197 8.58 -9.92 12.63
C GLU A 197 8.84 -8.80 11.63
N ARG A 198 7.78 -8.10 11.21
CA ARG A 198 7.93 -6.99 10.27
C ARG A 198 6.90 -5.91 10.58
N PHE A 199 6.71 -5.00 9.63
CA PHE A 199 5.74 -3.92 9.80
C PHE A 199 4.91 -3.81 8.52
N LEU A 200 3.60 -3.77 8.67
CA LEU A 200 2.73 -3.73 7.50
C LEU A 200 1.68 -2.63 7.60
N VAL A 201 1.22 -2.17 6.44
CA VAL A 201 0.20 -1.14 6.38
C VAL A 201 -0.98 -1.63 5.54
N ILE A 202 -2.18 -1.18 5.89
CA ILE A 202 -3.39 -1.58 5.17
C ILE A 202 -4.04 -0.38 4.53
N CYS A 203 -4.30 -0.46 3.21
CA CYS A 203 -4.94 0.63 2.50
C CYS A 203 -6.38 0.29 2.19
N THR A 204 -7.29 1.20 2.53
CA THR A 204 -8.72 0.99 2.26
C THR A 204 -9.32 2.22 1.59
N MET A 205 -9.92 2.03 0.42
CA MET A 205 -10.53 3.14 -0.29
C MET A 205 -11.71 2.68 -1.14
N CYS A 206 -12.78 3.48 -1.13
CA CYS A 206 -13.96 3.16 -1.91
C CYS A 206 -14.49 1.77 -1.58
N ASN A 207 -13.89 0.77 -2.20
CA ASN A 207 -14.29 -0.61 -1.96
C ASN A 207 -13.14 -1.57 -2.24
N GLN A 208 -11.92 -1.05 -2.20
CA GLN A 208 -10.73 -1.85 -2.44
C GLN A 208 -9.90 -1.92 -1.17
N LYS A 209 -9.15 -3.00 -1.01
CA LYS A 209 -8.31 -3.16 0.17
C LYS A 209 -7.07 -4.00 -0.14
N THR A 210 -5.90 -3.50 0.24
CA THR A 210 -4.66 -4.23 -0.01
C THR A 210 -3.82 -4.33 1.26
N ARG A 211 -2.79 -5.16 1.22
CA ARG A 211 -1.93 -5.36 2.37
C ARG A 211 -0.46 -5.48 1.94
N GLY A 212 0.43 -4.83 2.67
CA GLY A 212 1.85 -4.88 2.33
C GLY A 212 2.72 -5.17 3.56
N ILE A 213 3.37 -6.33 3.56
CA ILE A 213 4.24 -6.71 4.66
C ILE A 213 5.67 -6.27 4.35
N ARG A 214 6.19 -5.29 5.10
CA ARG A 214 7.55 -4.83 4.84
C ARG A 214 8.25 -4.33 6.10
N SER A 215 9.47 -3.82 5.90
CA SER A 215 10.28 -3.30 6.99
C SER A 215 9.61 -2.12 7.69
N LYS A 216 10.43 -1.14 8.08
CA LYS A 216 9.97 0.05 8.79
C LYS A 216 8.60 0.53 8.31
N LYS A 217 8.03 1.46 9.05
CA LYS A 217 6.71 2.01 8.70
C LYS A 217 6.69 2.53 7.27
N LYS A 218 7.61 3.44 6.95
CA LYS A 218 7.66 4.01 5.61
C LYS A 218 7.65 2.90 4.57
N ASP A 219 8.37 1.82 4.85
CA ASP A 219 8.43 0.70 3.93
C ASP A 219 7.10 -0.04 3.91
N ALA A 220 6.47 -0.13 5.08
CA ALA A 220 5.17 -0.80 5.17
C ALA A 220 4.14 -0.02 4.37
N LYS A 221 4.19 1.30 4.48
CA LYS A 221 3.24 2.16 3.77
C LYS A 221 3.48 2.10 2.27
N ASN A 222 4.73 1.93 1.89
CA ASN A 222 5.11 1.89 0.48
C ASN A 222 4.46 0.70 -0.23
N LEU A 223 4.73 -0.50 0.25
CA LEU A 223 4.19 -1.71 -0.37
C LEU A 223 2.66 -1.69 -0.39
N ALA A 224 2.04 -1.12 0.64
CA ALA A 224 0.58 -1.07 0.72
C ALA A 224 0.00 -0.05 -0.25
N ALA A 225 0.50 1.17 -0.23
CA ALA A 225 0.00 2.21 -1.14
C ALA A 225 0.39 1.84 -2.56
N TRP A 226 1.65 1.49 -2.74
CA TRP A 226 2.14 1.07 -4.05
C TRP A 226 1.33 -0.12 -4.57
N LEU A 227 0.83 -0.95 -3.66
CA LEU A 227 0.04 -2.11 -4.04
C LEU A 227 -1.20 -1.68 -4.82
N MET A 228 -2.08 -0.94 -4.15
CA MET A 228 -3.31 -0.47 -4.78
C MET A 228 -3.03 0.21 -6.11
N TRP A 229 -1.88 0.86 -6.23
CA TRP A 229 -1.53 1.53 -7.47
C TRP A 229 -1.53 0.53 -8.61
N LYS A 230 -0.91 -0.61 -8.37
CA LYS A 230 -0.85 -1.68 -9.36
C LYS A 230 -2.25 -2.27 -9.57
N ALA A 231 -2.99 -2.37 -8.48
CA ALA A 231 -4.35 -2.92 -8.53
C ALA A 231 -5.31 -1.93 -9.17
N LEU A 232 -4.94 -0.66 -9.19
CA LEU A 232 -5.79 0.37 -9.77
C LEU A 232 -5.75 0.28 -11.30
N GLU A 233 -4.56 0.08 -11.84
CA GLU A 233 -4.39 -0.02 -13.29
C GLU A 233 -5.26 -1.13 -13.86
N ASP A 234 -5.33 -2.25 -13.15
CA ASP A 234 -6.12 -3.38 -13.60
C ASP A 234 -5.89 -3.64 -15.09
N GLY A 235 -4.69 -3.34 -15.55
CA GLY A 235 -4.34 -3.54 -16.95
C GLY A 235 -3.72 -4.92 -17.17
N ASN A 150 -13.30 -10.54 3.77
CA ASN A 150 -12.10 -10.03 4.41
C ASN A 150 -11.32 -11.17 5.06
N ASP A 151 -12.03 -12.23 5.43
CA ASP A 151 -11.40 -13.38 6.06
C ASP A 151 -11.27 -14.53 5.05
N ASP A 152 -11.17 -14.17 3.78
CA ASP A 152 -11.03 -15.17 2.72
C ASP A 152 -9.65 -15.10 2.10
N SER A 153 -9.24 -13.90 1.73
CA SER A 153 -7.93 -13.67 1.14
C SER A 153 -7.95 -12.38 0.34
N ILE A 154 -7.57 -11.29 0.99
CA ILE A 154 -7.53 -9.99 0.34
C ILE A 154 -6.26 -9.87 -0.52
N PRO A 155 -6.30 -9.13 -1.60
CA PRO A 155 -5.11 -8.96 -2.48
C PRO A 155 -3.84 -8.73 -1.67
N THR A 156 -2.79 -9.49 -1.99
CA THR A 156 -1.53 -9.35 -1.28
C THR A 156 -0.35 -9.60 -2.22
N SER A 157 0.62 -8.69 -2.20
CA SER A 157 1.79 -8.83 -3.05
C SER A 157 2.99 -8.11 -2.44
N ALA A 158 4.05 -8.86 -2.19
CA ALA A 158 5.27 -8.30 -1.61
C ALA A 158 6.38 -8.25 -2.65
N GLU A 159 6.94 -7.06 -2.86
CA GLU A 159 8.01 -6.90 -3.83
C GLU A 159 9.09 -5.96 -3.32
N PHE A 160 10.32 -6.14 -3.79
CA PHE A 160 11.44 -5.30 -3.37
C PHE A 160 11.68 -4.20 -4.41
N PRO A 161 12.31 -3.12 -4.02
CA PRO A 161 12.61 -1.99 -4.96
C PRO A 161 13.69 -2.39 -5.99
N PRO A 162 13.35 -2.46 -7.27
CA PRO A 162 14.33 -2.84 -8.32
C PRO A 162 15.24 -1.67 -8.73
N GLY A 163 15.09 -0.56 -8.04
CA GLY A 163 15.89 0.63 -8.34
C GLY A 163 15.01 1.85 -8.56
N ILE A 164 14.28 2.24 -7.51
CA ILE A 164 13.38 3.38 -7.59
C ILE A 164 13.84 4.49 -6.64
N SER A 165 13.50 5.73 -6.97
CA SER A 165 13.87 6.86 -6.13
C SER A 165 13.51 6.56 -4.68
N PRO A 166 14.47 6.38 -3.79
CA PRO A 166 14.19 6.08 -2.36
C PRO A 166 13.86 7.33 -1.56
N THR A 167 13.90 8.50 -2.22
CA THR A 167 13.61 9.76 -1.54
C THR A 167 12.25 10.32 -1.95
N GLU A 168 11.50 9.56 -2.74
CA GLU A 168 10.17 10.02 -3.18
C GLU A 168 9.08 9.42 -2.31
N ASN A 169 7.86 9.94 -2.45
CA ASN A 169 6.73 9.46 -1.67
C ASN A 169 5.75 8.70 -2.55
N TRP A 170 5.44 7.47 -2.17
CA TRP A 170 4.50 6.65 -2.91
C TRP A 170 3.08 6.89 -2.39
N VAL A 171 2.92 6.72 -1.08
CA VAL A 171 1.64 6.90 -0.42
C VAL A 171 0.99 8.21 -0.86
N GLY A 172 1.82 9.22 -1.09
CA GLY A 172 1.32 10.50 -1.55
C GLY A 172 1.02 10.41 -3.04
N LYS A 173 1.76 9.53 -3.71
CA LYS A 173 1.57 9.33 -5.14
C LYS A 173 0.19 8.74 -5.41
N LEU A 174 -0.31 7.90 -4.49
CA LEU A 174 -1.63 7.32 -4.68
C LEU A 174 -2.69 8.38 -4.42
N GLN A 175 -2.70 8.93 -3.20
CA GLN A 175 -3.67 9.97 -2.88
C GLN A 175 -3.69 11.02 -3.99
N GLU A 176 -2.50 11.34 -4.49
CA GLU A 176 -2.38 12.30 -5.58
C GLU A 176 -3.04 11.71 -6.82
N LYS A 177 -2.93 10.40 -6.97
CA LYS A 177 -3.52 9.70 -8.11
C LYS A 177 -5.04 9.84 -8.06
N SER A 178 -5.62 9.72 -6.87
CA SER A 178 -7.05 9.84 -6.73
C SER A 178 -7.53 11.16 -7.31
N GLN A 179 -6.97 12.26 -6.83
CA GLN A 179 -7.34 13.57 -7.35
C GLN A 179 -7.18 13.58 -8.86
N LYS A 180 -6.20 12.83 -9.34
CA LYS A 180 -5.94 12.74 -10.77
C LYS A 180 -7.02 11.89 -11.45
N SER A 181 -7.58 10.94 -10.70
CA SER A 181 -8.62 10.06 -11.24
C SER A 181 -9.98 10.36 -10.61
N LYS A 182 -10.06 11.45 -9.85
CA LYS A 182 -11.30 11.84 -9.19
C LYS A 182 -11.81 10.74 -8.27
N LEU A 183 -10.97 10.31 -7.33
CA LEU A 183 -11.35 9.26 -6.38
C LEU A 183 -11.31 9.79 -4.95
N GLN A 184 -11.59 8.92 -3.98
CA GLN A 184 -11.58 9.32 -2.57
C GLN A 184 -10.18 9.19 -1.97
N ALA A 185 -10.09 9.33 -0.65
CA ALA A 185 -8.81 9.23 0.04
C ALA A 185 -8.71 7.90 0.81
N PRO A 186 -7.61 7.17 0.70
CA PRO A 186 -7.43 5.87 1.41
C PRO A 186 -7.04 6.04 2.88
N ILE A 187 -7.20 4.97 3.65
CA ILE A 187 -6.85 4.97 5.07
C ILE A 187 -5.71 3.97 5.31
N TYR A 188 -4.77 4.32 6.20
CA TYR A 188 -3.64 3.44 6.49
C TYR A 188 -3.52 3.11 7.97
N GLU A 189 -3.32 1.82 8.30
CA GLU A 189 -3.17 1.41 9.71
C GLU A 189 -1.87 0.63 9.85
N ASP A 190 -1.05 0.98 10.85
CA ASP A 190 0.23 0.30 11.05
C ASP A 190 0.16 -0.83 12.09
N SER A 191 0.74 -1.98 11.72
CA SER A 191 0.76 -3.13 12.61
C SER A 191 1.91 -4.05 12.24
N LYS A 192 2.37 -4.87 13.20
CA LYS A 192 3.48 -5.78 12.94
C LYS A 192 3.11 -7.20 13.39
N ASN A 193 3.22 -8.15 12.47
CA ASN A 193 2.90 -9.54 12.79
C ASN A 193 4.11 -10.24 13.39
N GLU A 194 3.96 -10.71 14.63
CA GLU A 194 5.04 -11.39 15.32
C GLU A 194 5.39 -12.70 14.61
N ARG A 195 4.47 -13.19 13.80
CA ARG A 195 4.70 -14.45 13.07
C ARG A 195 5.98 -14.36 12.25
N THR A 196 6.08 -13.31 11.43
CA THR A 196 7.26 -13.12 10.60
C THR A 196 8.12 -11.98 11.14
N GLU A 197 7.65 -11.34 12.20
CA GLU A 197 8.39 -10.24 12.81
C GLU A 197 8.73 -9.16 11.78
N ARG A 198 7.71 -8.45 11.33
CA ARG A 198 7.91 -7.38 10.36
C ARG A 198 6.95 -6.23 10.65
N PHE A 199 6.74 -5.37 9.66
CA PHE A 199 5.82 -4.25 9.82
C PHE A 199 4.98 -4.13 8.55
N LEU A 200 3.67 -3.93 8.73
CA LEU A 200 2.79 -3.85 7.57
C LEU A 200 1.75 -2.75 7.71
N VAL A 201 1.26 -2.29 6.57
CA VAL A 201 0.24 -1.26 6.54
C VAL A 201 -0.95 -1.78 5.72
N ILE A 202 -2.16 -1.37 6.12
CA ILE A 202 -3.38 -1.81 5.42
C ILE A 202 -4.06 -0.63 4.75
N CYS A 203 -4.40 -0.79 3.48
CA CYS A 203 -5.05 0.27 2.73
C CYS A 203 -6.54 -0.04 2.55
N THR A 204 -7.37 0.99 2.70
CA THR A 204 -8.81 0.84 2.54
C THR A 204 -9.35 1.87 1.54
N MET A 205 -10.09 1.40 0.54
CA MET A 205 -10.65 2.29 -0.48
C MET A 205 -12.14 2.06 -0.64
N CYS A 206 -12.78 2.95 -1.40
CA CYS A 206 -14.22 2.88 -1.64
C CYS A 206 -14.71 1.43 -1.68
N ASN A 207 -14.01 0.58 -2.42
CA ASN A 207 -14.40 -0.83 -2.52
C ASN A 207 -13.19 -1.71 -2.76
N GLN A 208 -12.01 -1.26 -2.33
CA GLN A 208 -10.80 -2.04 -2.51
C GLN A 208 -9.95 -1.99 -1.24
N LYS A 209 -9.14 -3.02 -1.04
CA LYS A 209 -8.27 -3.08 0.14
C LYS A 209 -7.03 -3.92 -0.14
N THR A 210 -5.87 -3.38 0.22
CA THR A 210 -4.61 -4.09 -0.01
C THR A 210 -3.79 -4.19 1.26
N ARG A 211 -2.72 -4.97 1.22
CA ARG A 211 -1.85 -5.14 2.39
C ARG A 211 -0.40 -5.33 1.95
N GLY A 212 0.52 -4.71 2.69
CA GLY A 212 1.93 -4.83 2.36
C GLY A 212 2.77 -5.15 3.59
N ILE A 213 3.37 -6.35 3.59
CA ILE A 213 4.21 -6.78 4.69
C ILE A 213 5.66 -6.41 4.38
N ARG A 214 6.19 -5.39 5.05
CA ARG A 214 7.56 -4.98 4.77
C ARG A 214 8.31 -4.52 6.03
N SER A 215 9.54 -4.05 5.81
CA SER A 215 10.41 -3.58 6.89
C SER A 215 9.78 -2.41 7.65
N LYS A 216 10.62 -1.45 8.01
CA LYS A 216 10.18 -0.27 8.77
C LYS A 216 8.80 0.21 8.34
N LYS A 217 8.24 1.13 9.12
CA LYS A 217 6.92 1.67 8.84
C LYS A 217 6.82 2.22 7.42
N LYS A 218 7.72 3.13 7.07
CA LYS A 218 7.72 3.73 5.74
C LYS A 218 7.69 2.66 4.66
N ASP A 219 8.47 1.60 4.86
CA ASP A 219 8.52 0.51 3.90
C ASP A 219 7.18 -0.22 3.84
N ALA A 220 6.51 -0.29 4.99
CA ALA A 220 5.22 -0.94 5.06
C ALA A 220 4.16 -0.07 4.39
N LYS A 221 4.26 1.24 4.64
CA LYS A 221 3.31 2.21 4.09
C LYS A 221 3.43 2.31 2.57
N ASN A 222 4.65 2.16 2.08
CA ASN A 222 4.92 2.25 0.66
C ASN A 222 4.29 1.08 -0.10
N LEU A 223 4.54 -0.13 0.38
CA LEU A 223 4.02 -1.33 -0.29
C LEU A 223 2.48 -1.34 -0.31
N ALA A 224 1.84 -0.86 0.75
CA ALA A 224 0.38 -0.85 0.82
C ALA A 224 -0.23 0.06 -0.24
N ALA A 225 0.27 1.28 -0.31
CA ALA A 225 -0.24 2.25 -1.29
C ALA A 225 0.23 1.85 -2.69
N TRP A 226 1.52 1.53 -2.81
CA TRP A 226 2.06 1.11 -4.08
C TRP A 226 1.29 -0.09 -4.62
N LEU A 227 0.73 -0.88 -3.69
CA LEU A 227 -0.06 -2.06 -4.06
C LEU A 227 -1.30 -1.65 -4.83
N MET A 228 -2.14 -0.82 -4.20
CA MET A 228 -3.37 -0.36 -4.83
C MET A 228 -3.07 0.31 -6.16
N TRP A 229 -1.90 0.94 -6.26
CA TRP A 229 -1.52 1.60 -7.50
C TRP A 229 -1.52 0.58 -8.63
N LYS A 230 -0.91 -0.57 -8.36
CA LYS A 230 -0.84 -1.64 -9.34
C LYS A 230 -2.21 -2.29 -9.52
N ALA A 231 -2.92 -2.46 -8.40
CA ALA A 231 -4.24 -3.07 -8.43
C ALA A 231 -5.24 -2.14 -9.10
N LEU A 232 -4.94 -0.84 -9.11
CA LEU A 232 -5.82 0.14 -9.73
C LEU A 232 -5.74 0.05 -11.25
N GLU A 233 -4.53 -0.12 -11.75
CA GLU A 233 -4.31 -0.21 -13.20
C GLU A 233 -5.21 -1.29 -13.80
N ASP A 234 -5.35 -2.41 -13.09
CA ASP A 234 -6.18 -3.51 -13.56
C ASP A 234 -5.85 -3.84 -15.01
N GLY A 235 -4.59 -3.64 -15.39
CA GLY A 235 -4.15 -3.93 -16.75
C GLY A 235 -5.03 -3.21 -17.77
N ASN A 150 -13.36 -11.73 -0.52
CA ASN A 150 -12.25 -10.97 0.04
C ASN A 150 -11.84 -11.55 1.39
N ASP A 151 -12.81 -12.10 2.10
CA ASP A 151 -12.55 -12.68 3.41
C ASP A 151 -11.86 -14.04 3.27
N ASP A 152 -11.17 -14.23 2.14
CA ASP A 152 -10.47 -15.48 1.88
C ASP A 152 -9.00 -15.21 1.57
N SER A 153 -8.70 -13.98 1.19
CA SER A 153 -7.34 -13.58 0.86
C SER A 153 -7.36 -12.32 0.00
N ILE A 154 -7.27 -11.19 0.67
CA ILE A 154 -7.27 -9.91 -0.02
C ILE A 154 -6.00 -9.75 -0.86
N PRO A 155 -6.04 -8.94 -1.90
CA PRO A 155 -4.84 -8.72 -2.77
C PRO A 155 -3.57 -8.56 -1.94
N THR A 156 -2.57 -9.40 -2.22
CA THR A 156 -1.30 -9.32 -1.50
C THR A 156 -0.12 -9.53 -2.45
N SER A 157 0.89 -8.68 -2.30
CA SER A 157 2.08 -8.77 -3.14
C SER A 157 3.27 -8.10 -2.47
N ALA A 158 4.29 -8.89 -2.15
CA ALA A 158 5.48 -8.35 -1.51
C ALA A 158 6.63 -8.26 -2.51
N GLU A 159 7.20 -7.06 -2.63
CA GLU A 159 8.30 -6.84 -3.56
C GLU A 159 9.00 -5.52 -3.26
N PHE A 160 10.20 -5.36 -3.79
CA PHE A 160 10.96 -4.13 -3.57
C PHE A 160 10.27 -2.96 -4.25
N PRO A 161 10.57 -1.75 -3.84
CA PRO A 161 9.96 -0.51 -4.43
C PRO A 161 10.31 -0.36 -5.91
N PRO A 162 9.58 0.47 -6.62
CA PRO A 162 9.80 0.71 -8.07
C PRO A 162 11.15 1.38 -8.35
N GLY A 163 11.37 1.73 -9.61
CA GLY A 163 12.63 2.38 -10.01
C GLY A 163 12.56 3.88 -9.74
N ILE A 164 11.44 4.35 -9.20
CA ILE A 164 11.28 5.76 -8.90
C ILE A 164 12.40 6.23 -7.97
N SER A 165 12.73 7.52 -8.05
CA SER A 165 13.79 8.07 -7.22
C SER A 165 13.53 7.73 -5.74
N PRO A 166 14.57 7.54 -4.95
CA PRO A 166 14.42 7.21 -3.50
C PRO A 166 14.05 8.43 -2.66
N THR A 167 13.98 9.59 -3.31
CA THR A 167 13.64 10.83 -2.61
C THR A 167 12.20 11.23 -2.87
N GLU A 168 11.41 10.31 -3.43
CA GLU A 168 10.01 10.60 -3.72
C GLU A 168 9.09 9.89 -2.74
N ASN A 169 7.82 10.26 -2.76
CA ASN A 169 6.82 9.64 -1.89
C ASN A 169 5.86 8.78 -2.70
N TRP A 170 5.60 7.58 -2.22
CA TRP A 170 4.66 6.68 -2.91
C TRP A 170 3.25 6.92 -2.40
N VAL A 171 3.08 6.78 -1.09
CA VAL A 171 1.80 6.96 -0.43
C VAL A 171 1.13 8.26 -0.89
N GLY A 172 1.94 9.27 -1.16
CA GLY A 172 1.41 10.54 -1.63
C GLY A 172 1.10 10.41 -3.11
N LYS A 173 1.85 9.55 -3.78
CA LYS A 173 1.67 9.31 -5.20
C LYS A 173 0.28 8.73 -5.45
N LEU A 174 -0.22 7.91 -4.52
CA LEU A 174 -1.55 7.33 -4.70
C LEU A 174 -2.63 8.36 -4.41
N GLN A 175 -2.64 8.89 -3.18
CA GLN A 175 -3.65 9.89 -2.81
C GLN A 175 -3.72 10.96 -3.90
N GLU A 176 -2.55 11.37 -4.37
CA GLU A 176 -2.50 12.39 -5.42
C GLU A 176 -3.14 11.82 -6.69
N LYS A 177 -2.98 10.51 -6.89
CA LYS A 177 -3.55 9.87 -8.06
C LYS A 177 -5.07 9.88 -7.98
N SER A 178 -5.61 9.64 -6.79
CA SER A 178 -7.05 9.64 -6.62
C SER A 178 -7.64 10.94 -7.15
N GLN A 179 -7.16 12.05 -6.60
CA GLN A 179 -7.64 13.36 -7.05
C GLN A 179 -7.47 13.46 -8.56
N LYS A 180 -6.40 12.83 -9.06
CA LYS A 180 -6.11 12.84 -10.48
C LYS A 180 -7.09 11.95 -11.25
N SER A 181 -7.61 10.93 -10.57
CA SER A 181 -8.55 10.00 -11.20
C SER A 181 -9.96 10.17 -10.63
N LYS A 182 -10.13 11.16 -9.74
CA LYS A 182 -11.42 11.41 -9.14
C LYS A 182 -11.86 10.24 -8.26
N LEU A 183 -11.02 9.86 -7.31
CA LEU A 183 -11.33 8.75 -6.39
C LEU A 183 -11.40 9.24 -4.95
N GLN A 184 -11.63 8.31 -4.02
CA GLN A 184 -11.71 8.65 -2.60
C GLN A 184 -10.32 8.71 -1.97
N ALA A 185 -10.28 8.87 -0.65
CA ALA A 185 -9.01 8.95 0.07
C ALA A 185 -8.71 7.61 0.77
N PRO A 186 -7.52 7.07 0.66
CA PRO A 186 -7.17 5.77 1.31
C PRO A 186 -6.86 5.91 2.80
N ILE A 187 -7.10 4.83 3.55
CA ILE A 187 -6.83 4.82 5.00
C ILE A 187 -5.65 3.88 5.28
N TYR A 188 -4.72 4.33 6.13
CA TYR A 188 -3.55 3.51 6.45
C TYR A 188 -3.50 3.13 7.94
N GLU A 189 -3.35 1.83 8.23
CA GLU A 189 -3.26 1.38 9.62
C GLU A 189 -1.97 0.58 9.81
N ASP A 190 -1.18 0.92 10.82
CA ASP A 190 0.09 0.23 11.04
C ASP A 190 0.02 -0.87 12.11
N SER A 191 0.57 -2.03 11.76
CA SER A 191 0.61 -3.18 12.67
C SER A 191 1.81 -4.06 12.34
N LYS A 192 2.28 -4.81 13.33
CA LYS A 192 3.44 -5.69 13.11
C LYS A 192 3.15 -7.10 13.60
N ASN A 193 3.27 -8.07 12.70
CA ASN A 193 3.02 -9.46 13.05
C ASN A 193 4.29 -10.11 13.56
N GLU A 194 4.21 -10.69 14.75
CA GLU A 194 5.37 -11.33 15.37
C GLU A 194 5.77 -12.58 14.59
N ARG A 195 4.81 -13.17 13.88
CA ARG A 195 5.09 -14.37 13.10
C ARG A 195 6.24 -14.13 12.13
N THR A 196 6.21 -12.99 11.45
CA THR A 196 7.26 -12.65 10.49
C THR A 196 8.12 -11.51 11.04
N GLU A 197 7.73 -11.00 12.20
CA GLU A 197 8.46 -9.89 12.83
C GLU A 197 8.75 -8.79 11.82
N ARG A 198 7.70 -8.08 11.40
CA ARG A 198 7.86 -6.99 10.44
C ARG A 198 6.84 -5.90 10.73
N PHE A 199 6.64 -5.00 9.77
CA PHE A 199 5.66 -3.93 9.91
C PHE A 199 4.82 -3.87 8.65
N LEU A 200 3.51 -3.85 8.81
CA LEU A 200 2.62 -3.85 7.65
C LEU A 200 1.59 -2.74 7.73
N VAL A 201 1.22 -2.22 6.56
CA VAL A 201 0.22 -1.17 6.48
C VAL A 201 -0.95 -1.67 5.64
N ILE A 202 -2.16 -1.25 6.00
CA ILE A 202 -3.36 -1.68 5.28
C ILE A 202 -4.00 -0.49 4.58
N CYS A 203 -4.38 -0.68 3.31
CA CYS A 203 -4.99 0.40 2.53
C CYS A 203 -6.46 0.11 2.27
N THR A 204 -7.31 1.12 2.48
CA THR A 204 -8.75 0.96 2.25
C THR A 204 -9.29 2.13 1.43
N MET A 205 -9.74 1.84 0.20
CA MET A 205 -10.27 2.90 -0.67
C MET A 205 -11.57 2.46 -1.35
N CYS A 206 -12.63 3.23 -1.09
CA CYS A 206 -13.93 2.94 -1.69
C CYS A 206 -14.38 1.52 -1.39
N ASN A 207 -13.89 0.58 -2.19
CA ASN A 207 -14.26 -0.83 -2.01
C ASN A 207 -13.07 -1.73 -2.34
N GLN A 208 -11.87 -1.18 -2.25
CA GLN A 208 -10.66 -1.94 -2.52
C GLN A 208 -9.82 -2.05 -1.25
N LYS A 209 -9.07 -3.13 -1.11
CA LYS A 209 -8.25 -3.32 0.08
C LYS A 209 -7.01 -4.16 -0.24
N THR A 210 -5.84 -3.66 0.17
CA THR A 210 -4.59 -4.38 -0.08
C THR A 210 -3.76 -4.47 1.20
N ARG A 211 -2.71 -5.28 1.17
CA ARG A 211 -1.85 -5.43 2.34
C ARG A 211 -0.39 -5.43 1.93
N GLY A 212 0.42 -4.68 2.66
CA GLY A 212 1.85 -4.59 2.38
C GLY A 212 2.68 -5.01 3.58
N ILE A 213 3.14 -6.26 3.57
CA ILE A 213 3.96 -6.77 4.65
C ILE A 213 5.43 -6.47 4.38
N ARG A 214 6.01 -5.53 5.12
CA ARG A 214 7.42 -5.20 4.87
C ARG A 214 8.14 -4.65 6.12
N SER A 215 9.39 -4.26 5.91
CA SER A 215 10.24 -3.72 6.96
C SER A 215 9.63 -2.51 7.65
N LYS A 216 10.50 -1.55 7.97
CA LYS A 216 10.11 -0.32 8.67
C LYS A 216 8.74 0.19 8.23
N LYS A 217 8.23 1.17 8.98
CA LYS A 217 6.93 1.75 8.69
C LYS A 217 6.86 2.34 7.29
N LYS A 218 7.90 3.05 6.87
CA LYS A 218 7.92 3.65 5.54
C LYS A 218 7.82 2.58 4.45
N ASP A 219 8.62 1.53 4.58
CA ASP A 219 8.62 0.44 3.61
C ASP A 219 7.27 -0.26 3.64
N ALA A 220 6.70 -0.34 4.83
CA ALA A 220 5.40 -0.97 5.02
C ALA A 220 4.30 -0.11 4.39
N LYS A 221 4.41 1.19 4.62
CA LYS A 221 3.42 2.16 4.13
C LYS A 221 3.50 2.31 2.61
N ASN A 222 4.71 2.21 2.08
CA ASN A 222 4.92 2.35 0.64
C ASN A 222 4.35 1.15 -0.10
N LEU A 223 4.63 -0.05 0.39
CA LEU A 223 4.15 -1.27 -0.24
C LEU A 223 2.61 -1.33 -0.27
N ALA A 224 1.97 -0.76 0.75
CA ALA A 224 0.50 -0.79 0.82
C ALA A 224 -0.12 0.14 -0.24
N ALA A 225 0.33 1.37 -0.28
CA ALA A 225 -0.20 2.33 -1.25
C ALA A 225 0.25 1.93 -2.64
N TRP A 226 1.54 1.64 -2.78
CA TRP A 226 2.08 1.22 -4.06
C TRP A 226 1.30 0.00 -4.57
N LEU A 227 0.85 -0.85 -3.65
CA LEU A 227 0.09 -2.04 -4.01
C LEU A 227 -1.17 -1.66 -4.79
N MET A 228 -2.02 -0.83 -4.16
CA MET A 228 -3.26 -0.42 -4.81
C MET A 228 -2.99 0.23 -6.16
N TRP A 229 -1.82 0.85 -6.30
CA TRP A 229 -1.48 1.49 -7.57
C TRP A 229 -1.51 0.44 -8.68
N LYS A 230 -0.93 -0.72 -8.36
CA LYS A 230 -0.90 -1.83 -9.32
C LYS A 230 -2.29 -2.40 -9.52
N ALA A 231 -3.04 -2.49 -8.43
CA ALA A 231 -4.40 -3.03 -8.49
C ALA A 231 -5.36 -2.00 -9.07
N LEU A 232 -4.95 -0.75 -9.09
CA LEU A 232 -5.79 0.32 -9.64
C LEU A 232 -5.80 0.24 -11.16
N GLU A 233 -4.64 -0.07 -11.74
CA GLU A 233 -4.52 -0.17 -13.19
C GLU A 233 -5.57 -1.13 -13.75
N ASP A 234 -5.91 -2.16 -12.97
CA ASP A 234 -6.89 -3.14 -13.40
C ASP A 234 -8.25 -2.48 -13.66
N GLY A 235 -8.42 -1.27 -13.14
CA GLY A 235 -9.67 -0.55 -13.33
C GLY A 235 -10.59 -0.71 -12.11
#